data_6K73
#
_entry.id   6K73
#
_cell.length_a   217.158
_cell.length_b   217.158
_cell.length_c   177.091
_cell.angle_alpha   90.00
_cell.angle_beta   90.00
_cell.angle_gamma   120.00
#
_symmetry.space_group_name_H-M   'H 3 2'
#
loop_
_entity.id
_entity.type
_entity.pdbx_description
1 polymer 'Colonization factor antigen I chaperone CfaA'
2 polymer 'CFA/I fimbrial subunit E'
3 non-polymer GLYCEROL
4 non-polymer 'NICKEL (II) ION'
5 water water
#
loop_
_entity_poly.entity_id
_entity_poly.type
_entity_poly.pdbx_seq_one_letter_code
_entity_poly.pdbx_strand_id
1 'polypeptide(L)'
;ANFMIYPISKDLKNGNSELVRVYSKSKEIQYIKIYTKKIINPGTTEEYEVDIPNWDGGLVVTPQKVILPAGASKSIRLTQ
FKIPKKEEVYRVYFEAVKPDSKENVIDNKKLTIEISINIIYAALIRSLPSEQNISLNISRNAKKNIIIYNNGNVRAGVKD
IYFCKSSNIDDNCVKKAYNKNIYPEKSFDTLVNNNFSYVFIKLNHEGIEKEQGLIQLKVPA
;
A,B
2 'polypeptide(L)'
;HHHHDKNPGSENMTNTIGPHDRGGSSPIYNILNSYLTAYNGSHHLYDRMSFLCLSSQNTLNGACPSSDAPGTATIDGETN
ITLQFTEKRSLIKRELQIKGYKQFLFKNANCPSKLALNSSHFQCNREQASGATLSLYIPAGELNKLPFGGVWNAVLKLNV
KRRYDTTYGTYTINITVNLTDKGNIQIWLPQFKSNARVDLNLRPTGGGTYIGRNSVDMCFYDGYSTNSSSLEIRFQDDNS
KSDGKFYLKKINDDSKELVYTLSLLLAGKNLTPTNGQALNINTASLETNWNRITAVTMPEISVPVLCWPGRLQLDAKVKN
PEAGQYMGNIKITFTPSSQTL
;
C,D
#
loop_
_chem_comp.id
_chem_comp.type
_chem_comp.name
_chem_comp.formula
GOL non-polymer GLYCEROL 'C3 H8 O3'
NI non-polymer 'NICKEL (II) ION' 'Ni 2'
#
# COMPACT_ATOMS: atom_id res chain seq x y z
N ALA A 1 -10.50 4.08 39.37
CA ALA A 1 -9.43 3.89 38.39
C ALA A 1 -8.15 4.59 38.84
N ASN A 2 -7.04 3.86 38.84
CA ASN A 2 -5.75 4.40 39.24
C ASN A 2 -4.66 4.09 38.22
N PHE A 3 -5.04 3.44 37.13
CA PHE A 3 -4.10 3.09 36.09
C PHE A 3 -4.59 3.26 34.73
N MET A 4 -3.71 2.90 33.85
CA MET A 4 -3.94 2.90 32.43
C MET A 4 -3.07 1.89 31.71
N ILE A 5 -3.34 1.64 30.45
CA ILE A 5 -2.59 0.69 29.67
C ILE A 5 -2.21 1.21 28.33
N TYR A 6 -1.09 0.74 27.89
CA TYR A 6 -0.63 1.00 26.59
C TYR A 6 -0.13 -0.42 26.31
N PRO A 7 -0.56 -1.17 25.20
CA PRO A 7 -1.52 -0.33 24.35
C PRO A 7 -2.94 -0.78 24.20
N ILE A 8 -3.83 0.04 23.70
CA ILE A 8 -5.20 -0.40 23.52
C ILE A 8 -5.47 -1.43 22.46
N SER A 9 -4.67 -1.48 21.41
CA SER A 9 -4.86 -2.48 20.37
C SER A 9 -3.55 -2.99 19.85
N LYS A 10 -3.51 -4.22 19.38
CA LYS A 10 -2.28 -4.79 18.86
C LYS A 10 -2.58 -5.94 17.94
N ASP A 11 -1.72 -6.20 16.98
CA ASP A 11 -1.87 -7.32 16.11
C ASP A 11 -0.64 -8.10 16.25
N LEU A 12 -0.82 -9.36 16.49
CA LEU A 12 0.26 -10.24 16.63
C LEU A 12 0.39 -10.99 15.36
N LYS A 13 1.57 -10.96 14.76
CA LYS A 13 1.78 -11.69 13.55
C LYS A 13 3.07 -12.39 13.58
N ASN A 14 3.10 -13.52 12.89
CA ASN A 14 4.26 -14.35 12.71
C ASN A 14 4.72 -15.14 13.88
N GLY A 15 3.92 -15.27 14.91
CA GLY A 15 4.30 -16.01 16.09
C GLY A 15 5.09 -15.15 17.04
N ASN A 16 5.32 -13.92 16.65
CA ASN A 16 6.05 -13.00 17.44
C ASN A 16 5.19 -12.55 18.54
N SER A 17 5.78 -11.97 19.58
CA SER A 17 5.04 -11.49 20.72
C SER A 17 5.29 -10.01 20.94
N GLU A 18 4.32 -9.31 21.53
CA GLU A 18 4.37 -7.90 21.77
C GLU A 18 4.02 -7.64 23.17
N LEU A 19 4.18 -6.42 23.62
CA LEU A 19 3.91 -6.09 24.99
C LEU A 19 2.90 -5.01 25.24
N VAL A 20 2.16 -5.13 26.32
CA VAL A 20 1.24 -4.11 26.71
C VAL A 20 1.69 -3.69 28.08
N ARG A 21 2.06 -2.45 28.25
CA ARG A 21 2.48 -1.91 29.54
C ARG A 21 1.30 -1.31 30.29
N VAL A 22 1.37 -1.41 31.62
CA VAL A 22 0.33 -0.90 32.52
C VAL A 22 0.96 0.16 33.40
N TYR A 23 0.35 1.35 33.44
CA TYR A 23 0.92 2.50 34.12
C TYR A 23 0.12 2.85 35.36
N SER A 24 0.82 3.11 36.46
CA SER A 24 0.22 3.55 37.70
C SER A 24 0.41 5.07 37.84
N LYS A 25 -0.69 5.81 37.79
CA LYS A 25 -0.69 7.21 38.13
C LYS A 25 -1.18 7.46 39.56
N SER A 26 -1.48 6.39 40.31
CA SER A 26 -1.74 6.47 41.74
C SER A 26 -0.43 6.40 42.51
N LYS A 27 -0.38 6.95 43.70
CA LYS A 27 0.86 6.87 44.46
C LYS A 27 0.77 5.76 45.47
N GLU A 28 -0.35 5.08 45.49
CA GLU A 28 -0.57 4.00 46.41
C GLU A 28 -0.53 2.76 45.56
N ILE A 29 0.34 1.85 45.93
CA ILE A 29 0.56 0.61 45.22
C ILE A 29 -0.70 -0.22 45.00
N GLN A 30 -0.81 -0.83 43.82
CA GLN A 30 -1.98 -1.62 43.43
C GLN A 30 -1.71 -2.97 42.81
N TYR A 31 -2.75 -3.75 42.65
CA TYR A 31 -2.67 -5.10 42.08
C TYR A 31 -3.61 -5.20 40.90
N ILE A 32 -3.09 -5.65 39.77
CA ILE A 32 -3.85 -5.79 38.53
C ILE A 32 -3.95 -7.28 38.19
N LYS A 33 -5.14 -7.71 37.82
CA LYS A 33 -5.36 -9.05 37.27
C LYS A 33 -5.61 -8.92 35.78
N ILE A 34 -5.09 -9.88 35.02
CA ILE A 34 -5.19 -9.90 33.57
C ILE A 34 -5.89 -11.18 33.16
N TYR A 35 -6.85 -11.06 32.23
CA TYR A 35 -7.57 -12.21 31.73
C TYR A 35 -8.04 -11.93 30.31
N THR A 36 -8.23 -13.02 29.56
CA THR A 36 -8.48 -12.95 28.13
C THR A 36 -9.83 -13.57 27.79
N LYS A 37 -10.49 -13.00 26.79
CA LYS A 37 -11.70 -13.55 26.21
C LYS A 37 -11.56 -13.60 24.70
N LYS A 38 -12.01 -14.69 24.10
CA LYS A 38 -12.09 -14.81 22.65
C LYS A 38 -13.43 -14.29 22.17
N ILE A 39 -13.39 -13.50 21.11
CA ILE A 39 -14.60 -12.85 20.59
C ILE A 39 -15.20 -13.73 19.51
N ILE A 40 -16.43 -14.17 19.71
CA ILE A 40 -17.14 -15.03 18.77
C ILE A 40 -18.07 -14.17 17.94
N ASN A 41 -18.16 -14.48 16.65
CA ASN A 41 -18.96 -13.72 15.70
C ASN A 41 -18.64 -12.22 15.72
N PRO A 42 -17.36 -11.83 15.62
CA PRO A 42 -17.02 -10.41 15.71
C PRO A 42 -17.55 -9.63 14.50
N GLY A 43 -17.73 -8.33 14.71
CA GLY A 43 -18.30 -7.46 13.69
C GLY A 43 -19.79 -7.61 13.45
N THR A 44 -20.43 -8.60 14.06
CA THR A 44 -21.83 -8.90 13.80
C THR A 44 -22.70 -8.43 14.97
N THR A 45 -23.99 -8.70 14.87
CA THR A 45 -24.96 -8.40 15.91
C THR A 45 -25.06 -9.49 16.97
N GLU A 46 -24.61 -10.70 16.68
CA GLU A 46 -24.59 -11.80 17.63
C GLU A 46 -23.21 -12.02 18.22
N GLU A 47 -22.40 -10.96 18.28
CA GLU A 47 -21.05 -11.08 18.82
C GLU A 47 -21.08 -11.30 20.32
N TYR A 48 -20.31 -12.25 20.79
CA TYR A 48 -20.16 -12.57 22.20
C TYR A 48 -18.76 -12.98 22.53
N GLU A 49 -18.38 -12.92 23.78
CA GLU A 49 -17.04 -13.24 24.20
C GLU A 49 -17.09 -14.38 25.16
N VAL A 50 -16.03 -15.16 25.26
CA VAL A 50 -15.99 -16.32 26.15
C VAL A 50 -14.56 -16.50 26.63
N ASP A 51 -14.42 -16.92 27.86
CA ASP A 51 -13.13 -17.07 28.48
C ASP A 51 -12.29 -18.19 27.95
N ILE A 52 -11.00 -17.99 27.91
CA ILE A 52 -10.11 -19.00 27.45
C ILE A 52 -8.98 -19.10 28.43
N PRO A 53 -8.51 -20.36 28.74
CA PRO A 53 -7.38 -20.38 29.67
C PRO A 53 -6.19 -19.73 29.02
N ASN A 54 -5.29 -19.16 29.80
CA ASN A 54 -4.15 -18.47 29.26
C ASN A 54 -3.15 -19.33 28.44
N TRP A 55 -3.08 -20.64 28.62
CA TRP A 55 -2.11 -21.43 27.83
C TRP A 55 -2.67 -22.14 26.63
N ASP A 56 -3.83 -22.78 26.77
CA ASP A 56 -4.45 -23.48 25.66
C ASP A 56 -5.65 -22.73 25.24
N GLY A 57 -5.36 -21.65 24.56
CA GLY A 57 -6.33 -20.76 24.01
C GLY A 57 -5.45 -20.28 22.93
N GLY A 58 -5.95 -19.48 22.02
CA GLY A 58 -5.16 -19.00 20.92
C GLY A 58 -3.96 -18.17 21.26
N LEU A 59 -4.08 -17.42 22.33
CA LEU A 59 -3.07 -16.52 22.75
C LEU A 59 -2.54 -16.80 24.13
N VAL A 60 -1.27 -16.57 24.33
CA VAL A 60 -0.67 -16.76 25.62
C VAL A 60 -0.33 -15.42 26.18
N VAL A 61 -0.86 -15.11 27.35
CA VAL A 61 -0.63 -13.84 28.03
C VAL A 61 0.03 -14.05 29.37
N THR A 62 1.20 -13.46 29.56
CA THR A 62 1.96 -13.60 30.77
C THR A 62 2.43 -12.24 31.15
N PRO A 63 2.23 -11.81 32.39
CA PRO A 63 1.68 -12.59 33.48
C PRO A 63 0.20 -12.45 33.69
N GLN A 64 -0.33 -13.23 34.60
CA GLN A 64 -1.73 -13.21 34.88
C GLN A 64 -2.06 -12.28 36.01
N LYS A 65 -1.09 -11.82 36.75
CA LYS A 65 -1.36 -10.91 37.84
C LYS A 65 -0.12 -10.17 38.11
N VAL A 66 -0.22 -8.94 38.57
CA VAL A 66 0.98 -8.18 38.85
C VAL A 66 0.92 -7.25 39.99
N ILE A 67 2.06 -7.01 40.62
CA ILE A 67 2.22 -5.92 41.59
C ILE A 67 2.49 -4.66 40.79
N LEU A 68 1.65 -3.64 40.97
CA LEU A 68 1.89 -2.38 40.29
C LEU A 68 2.37 -1.34 41.29
N PRO A 69 3.68 -1.11 41.41
CA PRO A 69 4.16 -0.02 42.26
C PRO A 69 3.67 1.34 41.75
N ALA A 70 3.69 2.32 42.66
CA ALA A 70 3.27 3.67 42.30
C ALA A 70 4.19 4.28 41.26
N GLY A 71 3.60 4.91 40.25
CA GLY A 71 4.37 5.63 39.26
C GLY A 71 5.24 4.78 38.37
N ALA A 72 5.17 3.47 38.48
CA ALA A 72 5.95 2.55 37.65
C ALA A 72 5.03 1.79 36.70
N SER A 73 5.65 1.14 35.72
CA SER A 73 4.93 0.36 34.73
C SER A 73 5.45 -1.07 34.71
N LYS A 74 4.53 -2.03 34.69
CA LYS A 74 4.85 -3.41 34.41
C LYS A 74 4.71 -3.68 32.91
N SER A 75 5.13 -4.88 32.50
CA SER A 75 5.03 -5.30 31.11
C SER A 75 4.25 -6.61 31.06
N ILE A 76 3.30 -6.70 30.14
CA ILE A 76 2.51 -7.91 29.92
C ILE A 76 2.82 -8.41 28.50
N ARG A 77 3.19 -9.68 28.40
CA ARG A 77 3.69 -10.26 27.16
C ARG A 77 2.57 -11.00 26.44
N LEU A 78 2.33 -10.61 25.20
CA LEU A 78 1.32 -11.23 24.34
C LEU A 78 2.03 -11.95 23.20
N THR A 79 1.78 -13.22 23.03
CA THR A 79 2.40 -13.96 21.96
C THR A 79 1.39 -14.95 21.43
N GLN A 80 1.39 -15.26 20.14
CA GLN A 80 0.39 -16.20 19.66
C GLN A 80 0.83 -17.63 19.83
N PHE A 81 0.01 -18.44 20.44
CA PHE A 81 0.39 -19.79 20.68
C PHE A 81 0.63 -20.50 19.42
N LYS A 82 -0.37 -20.44 18.57
CA LYS A 82 -0.32 -21.07 17.29
C LYS A 82 -0.85 -20.08 16.34
N ILE A 83 -0.13 -19.78 15.29
CA ILE A 83 -0.60 -18.86 14.31
C ILE A 83 -1.87 -19.44 13.76
N PRO A 84 -2.85 -18.64 13.45
CA PRO A 84 -4.04 -19.29 12.94
C PRO A 84 -4.26 -19.14 11.46
N LYS A 85 -5.05 -20.06 10.92
CA LYS A 85 -5.38 -20.11 9.52
C LYS A 85 -6.14 -18.91 9.09
N LYS A 86 -7.10 -18.51 9.90
CA LYS A 86 -7.85 -17.28 9.67
C LYS A 86 -7.77 -16.39 10.90
N GLU A 87 -7.90 -15.09 10.72
CA GLU A 87 -7.77 -14.15 11.81
C GLU A 87 -8.66 -14.38 12.98
N GLU A 88 -8.07 -14.19 14.15
CA GLU A 88 -8.73 -14.37 15.41
C GLU A 88 -8.53 -13.11 16.20
N VAL A 89 -9.50 -12.79 17.00
CA VAL A 89 -9.52 -11.53 17.74
C VAL A 89 -9.88 -11.82 19.19
N TYR A 90 -9.13 -11.21 20.11
CA TYR A 90 -9.31 -11.42 21.54
C TYR A 90 -9.40 -10.09 22.27
N ARG A 91 -9.93 -10.14 23.48
CA ARG A 91 -9.92 -9.02 24.40
C ARG A 91 -9.21 -9.43 25.68
N VAL A 92 -8.24 -8.62 26.10
CA VAL A 92 -7.45 -8.87 27.29
C VAL A 92 -7.80 -7.78 28.30
N TYR A 93 -8.47 -8.18 29.37
CA TYR A 93 -8.97 -7.25 30.37
C TYR A 93 -7.94 -7.06 31.47
N PHE A 94 -7.92 -5.84 31.98
CA PHE A 94 -7.05 -5.43 33.05
C PHE A 94 -7.84 -4.87 34.19
N GLU A 95 -8.29 -5.72 35.06
CA GLU A 95 -9.06 -5.29 36.18
C GLU A 95 -8.14 -5.15 37.37
N ALA A 96 -8.61 -4.53 38.42
CA ALA A 96 -7.82 -4.37 39.56
C ALA A 96 -8.45 -5.07 40.69
N VAL A 97 -7.68 -5.38 41.70
CA VAL A 97 -8.15 -6.08 42.86
C VAL A 97 -7.96 -5.10 43.98
N LYS A 98 -9.01 -4.79 44.70
CA LYS A 98 -8.89 -3.82 45.77
C LYS A 98 -9.25 -4.29 47.15
N PRO A 99 -9.70 -5.58 47.21
CA PRO A 99 -10.10 -5.97 48.56
C PRO A 99 -8.93 -5.87 49.49
N ASP A 100 -9.22 -5.65 50.76
CA ASP A 100 -8.20 -5.56 51.76
C ASP A 100 -8.05 -6.99 52.18
N LEU A 111 -29.40 5.99 57.37
CA LEU A 111 -29.31 5.21 56.13
C LEU A 111 -28.40 5.91 55.16
N THR A 112 -27.46 5.17 54.62
CA THR A 112 -26.50 5.73 53.70
C THR A 112 -26.30 4.87 52.52
N ILE A 113 -25.72 5.44 51.49
CA ILE A 113 -25.47 4.78 50.24
C ILE A 113 -24.07 5.01 49.72
N GLU A 114 -23.34 3.95 49.38
CA GLU A 114 -22.00 4.10 48.84
C GLU A 114 -21.90 3.37 47.53
N ILE A 115 -21.46 4.09 46.51
CA ILE A 115 -21.36 3.51 45.17
C ILE A 115 -19.91 3.62 44.72
N SER A 116 -19.17 2.52 44.83
CA SER A 116 -17.80 2.48 44.35
C SER A 116 -17.79 2.31 42.83
N ILE A 117 -17.00 3.14 42.17
CA ILE A 117 -16.94 3.21 40.71
C ILE A 117 -15.58 2.72 40.25
N ASN A 118 -15.58 1.87 39.22
CA ASN A 118 -14.38 1.16 38.83
C ASN A 118 -14.22 1.08 37.32
N ILE A 119 -12.99 1.29 36.86
CA ILE A 119 -12.66 1.36 35.45
C ILE A 119 -11.85 0.12 35.08
N ILE A 120 -12.22 -0.51 33.97
CA ILE A 120 -11.52 -1.68 33.44
C ILE A 120 -11.17 -1.41 31.99
N TYR A 121 -9.95 -1.79 31.60
CA TYR A 121 -9.50 -1.69 30.22
C TYR A 121 -9.46 -3.08 29.59
N ALA A 122 -9.85 -3.14 28.33
CA ALA A 122 -9.76 -4.37 27.54
C ALA A 122 -9.09 -4.02 26.22
N ALA A 123 -7.93 -4.58 25.99
CA ALA A 123 -7.22 -4.38 24.73
C ALA A 123 -7.79 -5.33 23.68
N LEU A 124 -7.87 -4.85 22.44
CA LEU A 124 -8.38 -5.64 21.33
C LEU A 124 -7.19 -6.15 20.52
N ILE A 125 -6.96 -7.46 20.56
CA ILE A 125 -5.77 -8.08 19.97
C ILE A 125 -6.19 -8.92 18.77
N ARG A 126 -5.59 -8.65 17.62
CA ARG A 126 -5.81 -9.45 16.42
C ARG A 126 -4.70 -10.49 16.30
N SER A 127 -5.08 -11.76 16.27
CA SER A 127 -4.15 -12.85 15.99
C SER A 127 -4.18 -13.09 14.49
N LEU A 128 -3.09 -12.73 13.80
CA LEU A 128 -3.15 -12.67 12.35
C LEU A 128 -2.58 -13.93 11.70
N PRO A 129 -3.07 -14.28 10.54
CA PRO A 129 -2.64 -15.47 9.83
C PRO A 129 -1.40 -15.22 9.06
N SER A 130 -0.75 -16.26 8.56
CA SER A 130 0.53 -16.16 7.87
C SER A 130 0.71 -15.41 6.57
N GLU A 131 -0.16 -15.62 5.63
CA GLU A 131 -0.07 -14.93 4.37
C GLU A 131 -1.40 -14.26 4.39
N GLN A 132 -1.45 -12.97 4.16
CA GLN A 132 -2.71 -12.28 4.23
C GLN A 132 -3.35 -12.05 2.92
N ASN A 133 -4.59 -12.49 2.84
CA ASN A 133 -5.39 -12.43 1.65
C ASN A 133 -6.73 -11.87 1.92
N ILE A 134 -7.27 -11.15 0.98
CA ILE A 134 -8.64 -10.67 1.09
C ILE A 134 -9.41 -11.10 -0.15
N SER A 135 -10.49 -11.83 0.07
CA SER A 135 -11.38 -12.29 -0.99
C SER A 135 -12.80 -11.98 -0.58
N LEU A 136 -13.54 -11.32 -1.47
CA LEU A 136 -14.92 -10.90 -1.22
C LEU A 136 -15.82 -11.54 -2.27
N ASN A 137 -16.79 -12.33 -1.82
CA ASN A 137 -17.73 -13.02 -2.69
C ASN A 137 -19.12 -12.41 -2.52
N ILE A 138 -19.82 -12.22 -3.63
CA ILE A 138 -21.13 -11.64 -3.62
C ILE A 138 -22.14 -12.68 -3.95
N SER A 139 -23.25 -12.58 -3.29
CA SER A 139 -24.35 -13.45 -3.51
C SER A 139 -25.50 -12.56 -3.27
N ARG A 140 -26.69 -13.03 -3.62
CA ARG A 140 -27.92 -12.33 -3.41
C ARG A 140 -28.80 -13.08 -2.44
N ASN A 141 -29.56 -12.35 -1.64
CA ASN A 141 -30.46 -12.82 -0.63
C ASN A 141 -31.83 -13.22 -1.09
N ALA A 142 -32.60 -13.84 -0.23
CA ALA A 142 -33.96 -14.23 -0.61
C ALA A 142 -34.67 -12.96 -1.02
N LYS A 143 -34.50 -11.93 -0.22
CA LYS A 143 -35.07 -10.66 -0.52
C LYS A 143 -34.39 -10.09 -1.74
N LYS A 144 -33.41 -10.85 -2.14
CA LYS A 144 -32.65 -10.53 -3.28
C LYS A 144 -31.73 -9.40 -2.94
N ASN A 145 -31.48 -9.18 -1.65
CA ASN A 145 -30.53 -8.13 -1.27
C ASN A 145 -29.14 -8.68 -1.45
N ILE A 146 -28.19 -7.79 -1.63
CA ILE A 146 -26.86 -8.18 -1.99
C ILE A 146 -26.06 -8.50 -0.78
N ILE A 147 -25.44 -9.64 -0.81
CA ILE A 147 -24.69 -10.09 0.32
C ILE A 147 -23.24 -10.18 0.01
N ILE A 148 -22.42 -9.84 0.97
CA ILE A 148 -20.97 -9.90 0.82
C ILE A 148 -20.43 -10.88 1.85
N TYR A 149 -19.76 -11.93 1.37
CA TYR A 149 -19.13 -12.93 2.22
C TYR A 149 -17.63 -12.68 2.26
N ASN A 150 -17.05 -12.71 3.46
CA ASN A 150 -15.60 -12.55 3.59
C ASN A 150 -14.95 -13.91 3.35
N ASN A 151 -14.45 -14.05 2.12
CA ASN A 151 -13.72 -15.23 1.67
C ASN A 151 -12.35 -15.22 2.30
N GLY A 152 -11.80 -14.01 2.34
CA GLY A 152 -10.48 -13.74 2.87
C GLY A 152 -10.32 -14.00 4.34
N ASN A 153 -9.15 -14.51 4.70
CA ASN A 153 -8.82 -14.81 6.08
C ASN A 153 -8.76 -13.57 6.96
N VAL A 154 -8.18 -12.51 6.49
CA VAL A 154 -8.10 -11.31 7.27
C VAL A 154 -9.41 -10.58 7.11
N ARG A 155 -9.78 -9.78 8.10
CA ARG A 155 -11.02 -9.04 8.08
C ARG A 155 -11.07 -7.92 7.10
N ALA A 156 -12.24 -7.71 6.53
CA ALA A 156 -12.50 -6.72 5.51
C ALA A 156 -12.53 -5.26 5.66
N GLY A 157 -13.18 -4.68 6.64
CA GLY A 157 -13.17 -3.22 6.76
C GLY A 157 -13.61 -2.34 5.60
N VAL A 158 -14.82 -2.52 5.13
CA VAL A 158 -15.38 -1.74 4.04
C VAL A 158 -15.76 -0.33 4.43
N LYS A 159 -15.58 0.66 3.57
CA LYS A 159 -15.96 2.02 3.92
C LYS A 159 -17.23 2.42 3.24
N ASP A 160 -17.19 2.51 1.92
CA ASP A 160 -18.38 2.79 1.15
C ASP A 160 -18.42 1.82 0.01
N ILE A 161 -19.61 1.61 -0.51
CA ILE A 161 -19.84 0.69 -1.63
C ILE A 161 -20.57 1.46 -2.72
N TYR A 162 -19.89 1.67 -3.85
CA TYR A 162 -20.50 2.29 -5.02
C TYR A 162 -21.23 1.20 -5.80
N PHE A 163 -22.55 1.13 -5.62
CA PHE A 163 -23.40 0.26 -6.44
C PHE A 163 -23.41 0.76 -7.88
N CYS A 164 -23.51 -0.15 -8.83
CA CYS A 164 -23.27 0.25 -10.22
C CYS A 164 -24.25 -0.38 -11.19
N LYS A 165 -24.63 0.42 -12.20
CA LYS A 165 -25.54 -0.06 -13.23
C LYS A 165 -24.83 -0.92 -14.26
N SER A 166 -23.57 -0.63 -14.56
CA SER A 166 -22.82 -1.40 -15.54
C SER A 166 -21.33 -1.34 -15.18
N SER A 167 -20.52 -1.93 -16.02
CA SER A 167 -19.11 -2.09 -15.73
C SER A 167 -18.41 -0.84 -15.28
N ASN A 168 -18.89 0.31 -15.68
CA ASN A 168 -18.23 1.47 -15.25
C ASN A 168 -19.12 2.31 -14.42
N ILE A 169 -18.53 2.92 -13.42
CA ILE A 169 -19.28 3.70 -12.44
C ILE A 169 -19.97 5.00 -12.85
N ASP A 170 -19.31 5.86 -13.59
CA ASP A 170 -19.98 7.09 -14.04
C ASP A 170 -20.58 7.87 -12.85
N ASP A 171 -21.81 8.35 -12.96
CA ASP A 171 -22.41 9.09 -11.86
C ASP A 171 -23.80 8.67 -11.50
N ASN A 172 -24.29 7.66 -12.16
CA ASN A 172 -25.63 7.19 -11.94
C ASN A 172 -25.70 6.07 -10.91
N CYS A 173 -24.55 5.73 -10.36
CA CYS A 173 -24.45 4.63 -9.46
C CYS A 173 -24.61 5.14 -8.07
N VAL A 174 -25.36 4.40 -7.29
CA VAL A 174 -25.64 4.71 -5.90
C VAL A 174 -24.40 4.51 -5.05
N LYS A 175 -24.13 5.46 -4.16
CA LYS A 175 -23.09 5.36 -3.14
C LYS A 175 -23.74 5.32 -1.77
N LYS A 176 -23.42 4.30 -0.99
CA LYS A 176 -23.79 4.25 0.42
C LYS A 176 -22.53 3.96 1.23
N ALA A 177 -22.29 4.79 2.25
CA ALA A 177 -21.15 4.62 3.14
C ALA A 177 -21.54 3.68 4.27
N TYR A 178 -20.62 2.80 4.65
CA TYR A 178 -20.90 1.76 5.63
C TYR A 178 -20.02 1.85 6.86
N ASN A 179 -18.71 1.88 6.68
CA ASN A 179 -17.77 1.95 7.79
C ASN A 179 -18.02 0.81 8.78
N LYS A 180 -17.99 -0.39 8.26
CA LYS A 180 -18.21 -1.55 9.08
C LYS A 180 -17.23 -2.59 8.61
N ASN A 181 -16.59 -3.30 9.53
CA ASN A 181 -15.65 -4.34 9.21
C ASN A 181 -16.29 -5.62 8.90
N ILE A 182 -15.71 -6.43 8.04
CA ILE A 182 -16.26 -7.74 7.76
C ILE A 182 -15.20 -8.74 8.10
N TYR A 183 -15.53 -9.68 8.95
CA TYR A 183 -14.60 -10.65 9.42
C TYR A 183 -14.69 -11.91 8.63
N PRO A 184 -13.56 -12.73 8.63
CA PRO A 184 -13.66 -13.92 7.80
C PRO A 184 -14.77 -14.92 8.08
N GLU A 185 -15.34 -15.51 7.03
CA GLU A 185 -16.46 -16.45 7.14
C GLU A 185 -17.76 -15.78 7.59
N LYS A 186 -17.86 -14.48 7.44
CA LYS A 186 -19.07 -13.78 7.79
C LYS A 186 -19.60 -13.04 6.59
N SER A 187 -20.90 -12.87 6.50
CA SER A 187 -21.51 -12.20 5.39
C SER A 187 -22.16 -10.99 5.93
N PHE A 188 -22.24 -9.97 5.10
CA PHE A 188 -22.83 -8.73 5.50
C PHE A 188 -23.87 -8.30 4.50
N ASP A 189 -25.05 -7.95 4.99
CA ASP A 189 -26.14 -7.54 4.12
C ASP A 189 -26.05 -6.04 3.90
N THR A 190 -26.06 -5.63 2.63
CA THR A 190 -25.97 -4.24 2.33
C THR A 190 -27.39 -3.74 2.37
N LEU A 191 -28.33 -4.66 2.34
CA LEU A 191 -29.74 -4.34 2.41
C LEU A 191 -30.38 -3.97 1.12
N VAL A 192 -29.68 -4.05 0.02
CA VAL A 192 -30.22 -3.63 -1.26
C VAL A 192 -30.78 -4.74 -2.08
N ASN A 193 -32.04 -4.63 -2.46
CA ASN A 193 -32.68 -5.64 -3.28
C ASN A 193 -32.81 -5.32 -4.75
N ASN A 194 -32.46 -4.12 -5.15
CA ASN A 194 -32.55 -3.81 -6.58
C ASN A 194 -31.39 -4.47 -7.33
N ASN A 195 -31.57 -4.67 -8.63
CA ASN A 195 -30.67 -5.54 -9.40
C ASN A 195 -29.69 -4.70 -10.22
N PHE A 196 -28.66 -4.22 -9.52
CA PHE A 196 -27.49 -3.62 -10.15
C PHE A 196 -26.56 -4.72 -10.63
N SER A 197 -25.63 -4.38 -11.51
CA SER A 197 -24.77 -5.43 -12.05
C SER A 197 -23.46 -5.59 -11.29
N TYR A 198 -22.81 -4.52 -10.88
CA TYR A 198 -21.52 -4.63 -10.20
C TYR A 198 -21.42 -3.88 -8.90
N VAL A 199 -20.22 -3.86 -8.35
CA VAL A 199 -19.97 -3.15 -7.13
C VAL A 199 -18.56 -2.66 -7.05
N PHE A 200 -18.30 -1.61 -6.33
CA PHE A 200 -16.97 -1.10 -6.18
C PHE A 200 -16.79 -0.80 -4.73
N ILE A 201 -15.66 -1.18 -4.19
CA ILE A 201 -15.47 -1.07 -2.78
C ILE A 201 -14.14 -0.49 -2.39
N LYS A 202 -14.13 0.38 -1.40
CA LYS A 202 -12.92 1.01 -0.88
C LYS A 202 -12.74 0.36 0.45
N LEU A 203 -11.54 0.35 0.99
CA LEU A 203 -11.32 -0.29 2.25
C LEU A 203 -10.41 0.57 3.02
N ASN A 204 -10.43 0.47 4.34
CA ASN A 204 -9.50 1.25 5.12
C ASN A 204 -8.11 0.69 4.95
N HIS A 205 -7.12 1.53 5.10
CA HIS A 205 -5.73 1.17 4.88
C HIS A 205 -4.97 0.54 6.04
N GLY A 213 -11.05 0.16 -4.52
CA GLY A 213 -11.44 0.17 -5.92
C GLY A 213 -11.70 -1.18 -6.54
N LEU A 214 -11.86 -2.21 -5.73
CA LEU A 214 -12.11 -3.54 -6.27
C LEU A 214 -13.44 -3.56 -7.01
N ILE A 215 -13.47 -4.21 -8.17
CA ILE A 215 -14.69 -4.31 -8.96
C ILE A 215 -15.10 -5.76 -9.12
N GLN A 216 -16.35 -6.07 -8.78
CA GLN A 216 -16.85 -7.44 -8.89
C GLN A 216 -18.28 -7.54 -9.40
N LEU A 217 -18.56 -8.63 -10.12
CA LEU A 217 -19.90 -8.87 -10.66
C LEU A 217 -20.86 -9.22 -9.52
N LYS A 218 -22.13 -8.88 -9.70
CA LYS A 218 -23.13 -9.19 -8.68
C LYS A 218 -24.10 -10.26 -9.18
N VAL A 219 -24.24 -11.32 -8.40
CA VAL A 219 -25.13 -12.42 -8.74
C VAL A 219 -26.59 -11.98 -8.76
N PRO A 220 -27.35 -12.46 -9.82
CA PRO A 220 -28.75 -12.01 -9.81
C PRO A 220 -29.68 -13.01 -9.13
N ALA A 221 -29.15 -14.15 -8.70
CA ALA A 221 -29.95 -15.17 -8.04
C ALA A 221 -30.54 -14.66 -6.73
N ALA B 1 12.68 -5.84 -39.00
CA ALA B 1 13.24 -6.60 -37.90
C ALA B 1 12.12 -7.30 -37.15
N ASN B 2 12.30 -8.58 -36.82
CA ASN B 2 11.21 -9.27 -36.15
C ASN B 2 11.46 -10.07 -34.86
N PHE B 3 11.68 -9.39 -33.76
CA PHE B 3 11.88 -10.04 -32.47
C PHE B 3 11.08 -9.31 -31.45
N MET B 4 11.16 -9.76 -30.24
CA MET B 4 10.30 -9.27 -29.18
C MET B 4 11.04 -9.49 -27.87
N ILE B 5 10.86 -8.59 -26.91
CA ILE B 5 11.47 -8.73 -25.60
C ILE B 5 10.40 -8.64 -24.52
N TYR B 6 10.65 -9.34 -23.41
CA TYR B 6 9.67 -9.43 -22.35
C TYR B 6 10.36 -9.62 -21.02
N PRO B 7 10.09 -8.77 -20.03
CA PRO B 7 9.20 -7.62 -20.19
C PRO B 7 9.97 -6.38 -20.59
N ILE B 8 9.29 -5.25 -20.75
CA ILE B 8 9.95 -4.02 -21.19
C ILE B 8 10.30 -3.09 -20.03
N SER B 9 9.99 -3.49 -18.80
CA SER B 9 10.37 -2.72 -17.62
C SER B 9 10.62 -3.67 -16.46
N LYS B 10 11.59 -3.32 -15.61
CA LYS B 10 11.93 -4.18 -14.49
C LYS B 10 12.64 -3.37 -13.41
N ASP B 11 12.39 -3.73 -12.16
CA ASP B 11 13.04 -3.17 -11.00
C ASP B 11 14.00 -4.19 -10.41
N LEU B 12 15.20 -3.73 -10.04
CA LEU B 12 16.23 -4.57 -9.46
C LEU B 12 16.45 -4.14 -8.01
N LYS B 13 16.07 -4.99 -7.08
CA LYS B 13 16.22 -4.74 -5.65
C LYS B 13 17.03 -5.84 -4.99
N ASN B 14 17.63 -5.49 -3.85
CA ASN B 14 18.30 -6.45 -2.96
C ASN B 14 19.45 -7.18 -3.65
N GLY B 15 20.09 -6.53 -4.62
CA GLY B 15 21.17 -7.18 -5.35
C GLY B 15 20.75 -8.44 -6.06
N ASN B 16 19.45 -8.63 -6.26
CA ASN B 16 18.94 -9.80 -6.94
C ASN B 16 19.19 -9.70 -8.45
N SER B 17 18.89 -10.79 -9.15
CA SER B 17 19.06 -10.86 -10.60
C SER B 17 17.73 -11.22 -11.24
N GLU B 18 17.33 -10.44 -12.24
CA GLU B 18 16.10 -10.68 -13.00
C GLU B 18 16.46 -10.99 -14.45
N LEU B 19 15.46 -11.50 -15.18
CA LEU B 19 15.65 -11.94 -16.56
C LEU B 19 14.70 -11.20 -17.49
N VAL B 20 15.22 -10.71 -18.60
CA VAL B 20 14.44 -10.29 -19.75
C VAL B 20 14.66 -11.30 -20.86
N ARG B 21 13.57 -11.73 -21.50
CA ARG B 21 13.64 -12.71 -22.56
C ARG B 21 13.51 -12.03 -23.92
N VAL B 22 14.10 -12.66 -24.93
CA VAL B 22 14.07 -12.19 -26.31
C VAL B 22 13.44 -13.29 -27.15
N TYR B 23 12.33 -12.97 -27.83
CA TYR B 23 11.55 -13.94 -28.57
C TYR B 23 11.73 -13.74 -30.07
N SER B 24 11.88 -14.85 -30.79
CA SER B 24 12.02 -14.83 -32.24
C SER B 24 10.69 -15.16 -32.90
N LYS B 25 10.28 -14.31 -33.84
CA LYS B 25 9.17 -14.59 -34.74
C LYS B 25 9.62 -14.77 -36.19
N SER B 26 10.87 -14.38 -36.49
CA SER B 26 11.43 -14.54 -37.83
C SER B 26 11.52 -16.00 -38.23
N LYS B 27 11.38 -16.25 -39.52
CA LYS B 27 11.54 -17.57 -40.04
C LYS B 27 12.99 -17.93 -39.97
N GLU B 28 13.81 -16.98 -40.37
CA GLU B 28 15.24 -17.16 -40.39
C GLU B 28 15.89 -16.58 -39.16
N ILE B 29 16.90 -17.29 -38.68
CA ILE B 29 17.67 -16.96 -37.46
C ILE B 29 18.43 -15.66 -37.48
N GLN B 30 18.53 -15.07 -36.30
CA GLN B 30 19.11 -13.74 -36.20
C GLN B 30 20.08 -13.66 -35.02
N TYR B 31 20.80 -12.53 -34.95
CA TYR B 31 21.74 -12.27 -33.88
C TYR B 31 21.42 -10.94 -33.23
N ILE B 32 21.45 -10.89 -31.90
CA ILE B 32 20.97 -9.74 -31.13
C ILE B 32 22.07 -9.31 -30.18
N LYS B 33 22.46 -8.03 -30.25
CA LYS B 33 23.36 -7.45 -29.28
C LYS B 33 22.58 -6.67 -28.23
N ILE B 34 23.14 -6.59 -27.03
CA ILE B 34 22.44 -6.08 -25.86
C ILE B 34 23.41 -5.17 -25.11
N TYR B 35 23.14 -3.87 -25.11
CA TYR B 35 23.98 -2.89 -24.44
C TYR B 35 23.13 -2.03 -23.52
N THR B 36 23.81 -1.30 -22.64
CA THR B 36 23.18 -0.55 -21.57
C THR B 36 23.60 0.90 -21.61
N LYS B 37 22.66 1.79 -21.32
CA LYS B 37 22.94 3.20 -21.11
C LYS B 37 22.35 3.63 -19.78
N LYS B 38 23.12 4.42 -19.02
CA LYS B 38 22.62 5.00 -17.79
C LYS B 38 21.95 6.33 -18.09
N ILE B 39 20.82 6.59 -17.45
CA ILE B 39 20.02 7.77 -17.71
C ILE B 39 20.45 8.86 -16.71
N ILE B 40 20.84 10.02 -17.25
CA ILE B 40 21.21 11.17 -16.43
C ILE B 40 20.07 12.17 -16.47
N ASN B 41 19.83 12.84 -15.34
CA ASN B 41 18.71 13.76 -15.19
C ASN B 41 17.37 13.14 -15.62
N PRO B 42 17.02 11.96 -15.09
CA PRO B 42 15.77 11.32 -15.54
C PRO B 42 14.55 12.16 -15.17
N GLY B 43 13.53 12.09 -16.03
CA GLY B 43 12.29 12.81 -15.81
C GLY B 43 12.32 14.30 -16.08
N THR B 44 13.46 14.85 -16.48
CA THR B 44 13.60 16.27 -16.76
C THR B 44 13.80 16.50 -18.25
N THR B 45 13.73 17.78 -18.64
CA THR B 45 14.03 18.17 -20.01
C THR B 45 15.53 18.18 -20.30
N GLU B 46 16.36 17.98 -19.27
CA GLU B 46 17.81 17.89 -19.42
C GLU B 46 18.30 16.45 -19.42
N GLU B 47 17.47 15.49 -19.80
CA GLU B 47 17.84 14.09 -19.79
C GLU B 47 18.66 13.57 -20.90
N TYR B 48 19.71 12.87 -20.57
CA TYR B 48 20.54 12.23 -21.54
C TYR B 48 20.98 10.90 -21.04
N GLU B 49 21.48 10.07 -21.91
CA GLU B 49 21.92 8.74 -21.61
C GLU B 49 23.34 8.54 -22.00
N VAL B 50 24.07 7.81 -21.20
CA VAL B 50 25.46 7.54 -21.45
C VAL B 50 25.83 6.07 -21.46
N ASP B 51 26.70 5.64 -22.35
CA ASP B 51 27.13 4.25 -22.43
C ASP B 51 27.95 3.88 -21.21
N ILE B 52 27.64 2.70 -20.64
CA ILE B 52 28.38 2.19 -19.49
C ILE B 52 29.03 0.87 -19.88
N PRO B 53 30.26 0.61 -19.46
CA PRO B 53 30.81 -0.74 -19.57
C PRO B 53 30.06 -1.66 -18.63
N ASN B 54 30.05 -2.95 -18.95
CA ASN B 54 29.27 -3.87 -18.15
C ASN B 54 29.54 -4.15 -16.68
N TRP B 55 30.79 -4.30 -16.27
CA TRP B 55 31.05 -4.58 -14.85
C TRP B 55 31.32 -3.31 -14.08
N ASP B 56 31.28 -2.18 -14.78
CA ASP B 56 31.60 -0.88 -14.21
C ASP B 56 30.50 0.03 -13.71
N GLY B 57 29.46 0.25 -14.50
CA GLY B 57 28.37 1.16 -14.20
C GLY B 57 27.44 0.96 -13.03
N GLY B 58 27.39 -0.25 -12.52
CA GLY B 58 26.51 -0.70 -11.45
C GLY B 58 25.46 -1.69 -11.89
N LEU B 59 25.38 -1.98 -13.18
CA LEU B 59 24.42 -2.94 -13.73
C LEU B 59 25.19 -3.99 -14.52
N VAL B 60 24.91 -5.26 -14.26
CA VAL B 60 25.53 -6.37 -14.97
C VAL B 60 24.48 -6.98 -15.89
N VAL B 61 24.77 -6.96 -17.19
CA VAL B 61 23.89 -7.53 -18.21
C VAL B 61 24.64 -8.66 -18.89
N THR B 62 24.10 -9.88 -18.78
CA THR B 62 24.77 -11.07 -19.25
C THR B 62 23.77 -12.01 -19.95
N PRO B 63 24.06 -12.43 -21.19
CA PRO B 63 25.21 -12.00 -22.00
C PRO B 63 24.93 -10.71 -22.76
N GLN B 64 25.88 -10.26 -23.57
CA GLN B 64 25.72 -9.03 -24.36
C GLN B 64 25.51 -9.25 -25.86
N LYS B 65 25.33 -10.51 -26.26
CA LYS B 65 25.15 -10.87 -27.66
C LYS B 65 24.76 -12.34 -27.74
N VAL B 66 23.63 -12.64 -28.39
CA VAL B 66 23.08 -13.98 -28.39
C VAL B 66 22.77 -14.43 -29.81
N ILE B 67 22.79 -15.74 -30.01
CA ILE B 67 22.26 -16.39 -31.20
C ILE B 67 20.79 -16.69 -30.94
N LEU B 68 19.91 -16.14 -31.76
CA LEU B 68 18.47 -16.37 -31.59
C LEU B 68 17.98 -17.25 -32.74
N PRO B 69 17.86 -18.56 -32.53
CA PRO B 69 17.27 -19.40 -33.57
C PRO B 69 15.82 -19.00 -33.80
N ALA B 70 15.35 -19.22 -35.02
CA ALA B 70 14.00 -18.86 -35.39
C ALA B 70 12.99 -19.53 -34.46
N GLY B 71 12.02 -18.77 -33.99
CA GLY B 71 11.01 -19.31 -33.10
C GLY B 71 11.50 -19.70 -31.71
N ALA B 72 12.69 -19.28 -31.32
CA ALA B 72 13.25 -19.58 -30.00
C ALA B 72 13.27 -18.33 -29.13
N SER B 73 13.68 -18.52 -27.87
CA SER B 73 13.72 -17.43 -26.91
C SER B 73 14.95 -17.60 -26.03
N LYS B 74 15.78 -16.56 -25.98
CA LYS B 74 16.94 -16.52 -25.10
C LYS B 74 16.68 -15.59 -23.92
N SER B 75 17.24 -15.94 -22.77
CA SER B 75 17.11 -15.16 -21.55
C SER B 75 18.36 -14.33 -21.33
N ILE B 76 18.17 -13.13 -20.79
CA ILE B 76 19.24 -12.20 -20.46
C ILE B 76 19.19 -11.91 -18.96
N ARG B 77 20.32 -12.13 -18.29
CA ARG B 77 20.42 -11.97 -16.85
C ARG B 77 20.73 -10.51 -16.51
N LEU B 78 19.90 -9.92 -15.69
CA LEU B 78 20.08 -8.56 -15.29
C LEU B 78 20.21 -8.50 -13.79
N THR B 79 21.27 -7.92 -13.29
CA THR B 79 21.49 -7.81 -11.87
C THR B 79 22.24 -6.57 -11.46
N GLN B 80 21.95 -6.03 -10.28
CA GLN B 80 22.65 -4.85 -9.83
C GLN B 80 23.91 -5.21 -9.14
N PHE B 81 24.98 -4.65 -9.66
CA PHE B 81 26.29 -4.90 -9.17
C PHE B 81 26.48 -4.44 -7.75
N LYS B 82 25.98 -3.27 -7.46
CA LYS B 82 26.05 -2.76 -6.15
C LYS B 82 24.71 -2.17 -5.96
N ILE B 83 24.07 -2.41 -4.83
CA ILE B 83 22.80 -1.82 -4.56
C ILE B 83 23.17 -0.40 -4.34
N PRO B 84 22.44 0.52 -4.94
CA PRO B 84 22.81 1.94 -4.86
C PRO B 84 22.14 2.65 -3.68
N LYS B 85 22.80 3.74 -3.28
CA LYS B 85 22.29 4.60 -2.23
C LYS B 85 20.92 5.17 -2.59
N LYS B 86 20.76 5.64 -3.83
CA LYS B 86 19.50 6.17 -4.32
C LYS B 86 19.19 5.54 -5.66
N GLU B 87 17.90 5.45 -5.98
CA GLU B 87 17.46 4.72 -7.16
C GLU B 87 18.13 5.25 -8.42
N GLU B 88 18.65 4.32 -9.24
CA GLU B 88 19.22 4.64 -10.54
C GLU B 88 18.43 3.91 -11.62
N VAL B 89 18.37 4.52 -12.79
CA VAL B 89 17.53 4.02 -13.88
C VAL B 89 18.40 3.87 -15.14
N TYR B 90 18.34 2.69 -15.75
CA TYR B 90 19.11 2.37 -16.95
C TYR B 90 18.17 1.92 -18.05
N ARG B 91 18.69 1.98 -19.28
CA ARG B 91 18.02 1.43 -20.46
C ARG B 91 18.92 0.37 -21.06
N VAL B 92 18.38 -0.84 -21.22
CA VAL B 92 19.09 -1.93 -21.87
C VAL B 92 18.52 -2.05 -23.28
N TYR B 93 19.31 -1.74 -24.28
CA TYR B 93 18.88 -1.75 -25.63
C TYR B 93 19.07 -3.07 -26.32
N PHE B 94 18.06 -3.58 -27.00
CA PHE B 94 18.09 -4.83 -27.74
C PHE B 94 18.05 -4.47 -29.22
N GLU B 95 19.17 -4.69 -29.91
CA GLU B 95 19.31 -4.35 -31.31
C GLU B 95 19.69 -5.58 -32.11
N ALA B 96 19.17 -5.66 -33.33
CA ALA B 96 19.50 -6.75 -34.23
C ALA B 96 20.83 -6.48 -34.93
N VAL B 97 21.70 -7.45 -34.99
CA VAL B 97 22.96 -7.32 -35.67
C VAL B 97 22.77 -7.45 -37.16
N LYS B 98 23.52 -6.67 -37.90
CA LYS B 98 23.40 -6.59 -39.33
C LYS B 98 23.64 -7.87 -40.07
N PRO B 99 23.21 -7.84 -41.37
CA PRO B 99 23.35 -9.10 -42.10
C PRO B 99 24.70 -9.67 -42.40
N ASP B 100 25.66 -8.95 -42.96
CA ASP B 100 26.90 -9.66 -43.24
C ASP B 100 28.15 -8.88 -42.84
N LEU B 111 19.45 4.81 -60.92
CA LEU B 111 18.88 5.46 -59.74
C LEU B 111 18.07 4.46 -58.91
N THR B 112 18.60 4.09 -57.75
CA THR B 112 17.96 3.13 -56.86
C THR B 112 17.98 3.68 -55.44
N ILE B 113 17.03 3.20 -54.63
CA ILE B 113 16.93 3.54 -53.24
C ILE B 113 16.62 2.32 -52.40
N GLU B 114 17.18 2.24 -51.23
CA GLU B 114 16.91 1.15 -50.34
C GLU B 114 17.00 1.72 -48.97
N ILE B 115 15.96 1.58 -48.17
CA ILE B 115 15.98 2.09 -46.85
C ILE B 115 15.76 0.97 -45.93
N SER B 116 16.70 0.73 -45.05
CA SER B 116 16.61 -0.29 -44.01
C SER B 116 15.87 0.29 -42.81
N ILE B 117 14.77 -0.36 -42.42
CA ILE B 117 14.03 -0.03 -41.21
C ILE B 117 14.35 -1.10 -40.19
N ASN B 118 15.09 -0.74 -39.14
CA ASN B 118 15.39 -1.65 -38.04
C ASN B 118 14.84 -1.06 -36.75
N ILE B 119 13.98 -1.82 -36.08
CA ILE B 119 13.32 -1.38 -34.87
C ILE B 119 14.06 -1.95 -33.67
N ILE B 120 14.16 -1.15 -32.61
CA ILE B 120 14.95 -1.47 -31.43
C ILE B 120 14.07 -1.36 -30.20
N TYR B 121 14.19 -2.34 -29.31
CA TYR B 121 13.58 -2.29 -28.00
C TYR B 121 14.63 -1.91 -26.97
N ALA B 122 14.25 -1.03 -26.05
CA ALA B 122 15.05 -0.72 -24.88
C ALA B 122 14.15 -0.90 -23.67
N ALA B 123 14.54 -1.81 -22.78
CA ALA B 123 13.79 -2.01 -21.56
C ALA B 123 14.24 -0.99 -20.52
N LEU B 124 13.29 -0.52 -19.72
CA LEU B 124 13.59 0.45 -18.67
C LEU B 124 13.84 -0.31 -17.37
N ILE B 125 15.03 -0.13 -16.81
CA ILE B 125 15.45 -0.87 -15.61
C ILE B 125 15.68 0.13 -14.49
N ARG B 126 15.07 -0.14 -13.33
CA ARG B 126 15.23 0.68 -12.13
C ARG B 126 16.06 -0.09 -11.11
N SER B 127 17.24 0.44 -10.78
CA SER B 127 18.05 -0.08 -9.69
C SER B 127 17.61 0.62 -8.41
N LEU B 128 17.18 -0.15 -7.43
CA LEU B 128 16.55 0.44 -6.26
C LEU B 128 17.45 0.31 -5.02
N PRO B 129 17.30 1.21 -4.09
CA PRO B 129 18.04 1.20 -2.85
C PRO B 129 17.43 0.21 -1.88
N SER B 130 18.10 -0.06 -0.78
CA SER B 130 17.59 -1.05 0.10
C SER B 130 16.23 -0.83 0.70
N GLU B 131 16.02 0.32 1.26
CA GLU B 131 14.72 0.64 1.79
C GLU B 131 14.41 1.93 1.13
N GLN B 132 13.21 2.00 0.60
CA GLN B 132 12.78 3.13 -0.13
C GLN B 132 12.10 4.07 0.75
N ASN B 133 12.61 5.29 0.73
CA ASN B 133 12.13 6.37 1.51
C ASN B 133 11.67 7.47 0.57
N ILE B 134 10.51 8.00 0.81
CA ILE B 134 10.02 9.11 0.01
C ILE B 134 9.97 10.36 0.88
N SER B 135 10.63 11.41 0.42
CA SER B 135 10.74 12.66 1.17
C SER B 135 10.66 13.80 0.17
N LEU B 136 9.71 14.71 0.38
CA LEU B 136 9.45 15.82 -0.53
C LEU B 136 9.58 17.13 0.23
N ASN B 137 10.24 18.11 -0.39
CA ASN B 137 10.54 19.40 0.23
C ASN B 137 10.11 20.51 -0.72
N ILE B 138 9.43 21.52 -0.18
CA ILE B 138 8.96 22.66 -0.95
C ILE B 138 9.86 23.85 -0.67
N SER B 139 10.33 24.50 -1.73
CA SER B 139 10.92 25.82 -1.66
C SER B 139 10.19 26.71 -2.66
N ARG B 140 10.53 27.99 -2.71
CA ARG B 140 9.91 28.89 -3.66
C ARG B 140 10.98 29.36 -4.58
N ASN B 141 10.70 29.47 -5.87
CA ASN B 141 11.67 29.91 -6.88
C ASN B 141 11.89 31.37 -6.85
N ALA B 142 12.86 31.82 -7.60
CA ALA B 142 13.24 33.19 -7.69
C ALA B 142 12.06 34.02 -8.08
N LYS B 143 11.17 33.44 -8.87
CA LYS B 143 9.99 34.10 -9.35
C LYS B 143 8.90 33.85 -8.38
N LYS B 144 9.26 33.33 -7.23
CA LYS B 144 8.31 33.02 -6.17
C LYS B 144 7.38 31.86 -6.56
N ASN B 145 7.90 30.95 -7.34
CA ASN B 145 7.16 29.79 -7.72
C ASN B 145 7.43 28.64 -6.77
N ILE B 146 6.45 27.78 -6.55
CA ILE B 146 6.57 26.62 -5.67
C ILE B 146 7.28 25.49 -6.34
N ILE B 147 8.33 25.04 -5.70
CA ILE B 147 9.21 24.01 -6.24
C ILE B 147 9.14 22.78 -5.34
N ILE B 148 9.06 21.60 -5.97
CA ILE B 148 9.07 20.33 -5.24
C ILE B 148 10.45 19.71 -5.39
N TYR B 149 11.07 19.34 -4.28
CA TYR B 149 12.37 18.69 -4.26
C TYR B 149 12.23 17.28 -3.71
N ASN B 150 12.73 16.30 -4.45
CA ASN B 150 12.68 14.91 -4.01
C ASN B 150 13.86 14.64 -3.08
N ASN B 151 13.59 14.52 -1.78
CA ASN B 151 14.59 14.23 -0.78
C ASN B 151 14.63 12.74 -0.42
N GLY B 152 13.97 11.90 -1.20
CA GLY B 152 13.98 10.47 -0.96
C GLY B 152 15.07 9.74 -1.73
N ASN B 153 15.02 8.44 -1.64
CA ASN B 153 15.91 7.57 -2.33
C ASN B 153 15.21 6.85 -3.44
N VAL B 154 13.98 7.21 -3.72
CA VAL B 154 13.21 6.52 -4.73
C VAL B 154 12.44 7.57 -5.49
N ARG B 155 12.18 7.38 -6.75
CA ARG B 155 11.43 8.34 -7.55
C ARG B 155 10.02 8.52 -6.99
N ALA B 156 9.46 9.70 -7.24
CA ALA B 156 8.13 10.05 -6.76
C ALA B 156 7.20 10.21 -7.95
N GLY B 157 6.16 9.38 -8.02
CA GLY B 157 5.21 9.48 -9.10
C GLY B 157 4.03 10.36 -8.77
N VAL B 158 4.01 11.58 -9.29
CA VAL B 158 3.08 12.61 -8.85
C VAL B 158 1.87 12.62 -9.76
N LYS B 159 0.70 12.25 -9.22
CA LYS B 159 -0.54 12.31 -10.00
C LYS B 159 -1.13 13.72 -9.97
N ASP B 160 -1.58 14.16 -8.80
CA ASP B 160 -2.30 15.42 -8.64
C ASP B 160 -1.83 16.16 -7.41
N ILE B 161 -1.82 17.49 -7.50
CA ILE B 161 -1.48 18.36 -6.38
C ILE B 161 -2.63 19.31 -6.14
N TYR B 162 -3.20 19.29 -4.94
CA TYR B 162 -4.16 20.29 -4.51
C TYR B 162 -3.41 21.42 -3.81
N PHE B 163 -3.49 22.62 -4.35
CA PHE B 163 -2.94 23.81 -3.71
C PHE B 163 -4.02 24.40 -2.81
N CYS B 164 -3.64 24.68 -1.57
CA CYS B 164 -4.50 25.27 -0.57
C CYS B 164 -3.87 26.45 0.11
N LYS B 165 -4.71 27.36 0.57
CA LYS B 165 -4.28 28.54 1.29
C LYS B 165 -4.60 28.40 2.75
N SER B 166 -4.94 27.18 3.14
CA SER B 166 -5.25 26.92 4.57
C SER B 166 -5.00 25.45 4.89
N SER B 167 -4.98 25.12 6.17
CA SER B 167 -4.66 23.75 6.64
C SER B 167 -5.66 22.74 6.07
N ASN B 168 -6.93 23.10 6.01
CA ASN B 168 -8.00 22.16 5.58
C ASN B 168 -7.85 21.78 4.11
N ILE B 169 -8.28 20.57 3.75
CA ILE B 169 -8.24 20.23 2.29
C ILE B 169 -9.47 20.91 1.71
N ASP B 170 -9.28 21.85 0.79
CA ASP B 170 -10.53 22.46 0.28
C ASP B 170 -10.63 22.45 -1.24
N ASP B 171 -11.83 22.08 -1.71
CA ASP B 171 -12.30 22.03 -3.12
C ASP B 171 -12.47 23.47 -3.64
N ASN B 172 -12.66 24.40 -2.71
CA ASN B 172 -12.68 25.84 -3.02
C ASN B 172 -11.20 26.17 -3.19
N CYS B 173 -10.37 25.17 -3.48
CA CYS B 173 -8.95 25.51 -3.70
C CYS B 173 -8.48 24.93 -5.04
N VAL B 174 -7.42 25.49 -5.62
CA VAL B 174 -6.94 25.05 -6.95
C VAL B 174 -6.45 23.59 -6.91
N LYS B 175 -6.76 22.86 -7.96
CA LYS B 175 -6.29 21.48 -8.13
C LYS B 175 -5.60 21.46 -9.49
N LYS B 176 -4.48 20.79 -9.62
CA LYS B 176 -3.83 20.77 -10.89
C LYS B 176 -3.33 19.41 -11.08
N ALA B 177 -3.26 18.96 -12.30
CA ALA B 177 -2.79 17.64 -12.57
C ALA B 177 -1.48 17.66 -13.30
N TYR B 178 -0.59 16.77 -12.90
CA TYR B 178 0.72 16.69 -13.50
C TYR B 178 1.07 15.36 -14.19
N ASN B 179 0.91 14.27 -13.47
CA ASN B 179 1.21 12.92 -13.93
C ASN B 179 2.65 12.83 -14.46
N LYS B 180 3.60 13.21 -13.61
CA LYS B 180 5.01 13.20 -13.96
C LYS B 180 5.82 12.67 -12.78
N ASN B 181 6.92 12.00 -13.09
CA ASN B 181 7.83 11.49 -12.07
C ASN B 181 8.82 12.56 -11.65
N ILE B 182 9.08 12.63 -10.34
CA ILE B 182 10.18 13.40 -9.78
C ILE B 182 11.21 12.40 -9.27
N TYR B 183 12.43 12.50 -9.77
CA TYR B 183 13.46 11.56 -9.38
C TYR B 183 14.32 12.13 -8.27
N PRO B 184 14.94 11.26 -7.46
CA PRO B 184 15.78 11.72 -6.35
C PRO B 184 16.75 12.83 -6.72
N GLU B 185 16.87 13.81 -5.83
CA GLU B 185 17.76 14.97 -5.95
C GLU B 185 17.38 15.92 -7.07
N LYS B 186 16.19 15.80 -7.64
CA LYS B 186 15.76 16.63 -8.76
C LYS B 186 14.55 17.47 -8.34
N SER B 187 14.52 18.73 -8.74
CA SER B 187 13.42 19.61 -8.39
C SER B 187 12.41 19.75 -9.49
N PHE B 188 11.18 20.01 -9.13
CA PHE B 188 10.16 20.08 -10.12
C PHE B 188 9.44 21.37 -10.04
N ASP B 189 9.34 22.11 -11.14
CA ASP B 189 8.66 23.38 -11.07
C ASP B 189 7.17 23.19 -11.11
N THR B 190 6.52 23.55 -10.02
CA THR B 190 5.09 23.45 -9.89
C THR B 190 4.51 24.39 -10.91
N LEU B 191 5.17 25.53 -11.08
CA LEU B 191 4.69 26.55 -12.00
C LEU B 191 3.72 27.55 -11.46
N VAL B 192 3.48 27.51 -10.18
CA VAL B 192 2.58 28.43 -9.56
C VAL B 192 3.40 29.45 -8.83
N ASN B 193 3.11 30.72 -9.05
CA ASN B 193 3.77 31.80 -8.35
C ASN B 193 2.89 32.46 -7.31
N ASN B 194 1.93 31.73 -6.76
CA ASN B 194 0.87 32.28 -5.93
C ASN B 194 1.19 32.13 -4.45
N ASN B 195 0.59 32.99 -3.64
CA ASN B 195 0.86 32.96 -2.23
C ASN B 195 0.02 31.94 -1.46
N PHE B 196 0.27 30.68 -1.73
CA PHE B 196 -0.41 29.58 -1.06
C PHE B 196 0.34 29.13 0.19
N SER B 197 -0.36 28.48 1.10
CA SER B 197 0.25 28.05 2.33
C SER B 197 0.39 26.59 2.53
N TYR B 198 -0.25 25.81 1.71
CA TYR B 198 -0.16 24.37 1.89
C TYR B 198 -0.33 23.65 0.56
N VAL B 199 0.05 22.37 0.55
CA VAL B 199 -0.12 21.52 -0.62
C VAL B 199 -0.45 20.11 -0.16
N PHE B 200 -1.32 19.44 -0.92
CA PHE B 200 -1.65 18.04 -0.72
C PHE B 200 -1.39 17.33 -2.04
N ILE B 201 -0.73 16.18 -1.97
CA ILE B 201 -0.22 15.49 -3.14
C ILE B 201 -0.77 14.06 -3.15
N LYS B 202 -0.92 13.48 -4.35
CA LYS B 202 -1.24 12.07 -4.51
C LYS B 202 -0.20 11.42 -5.42
N LEU B 203 0.26 10.24 -5.07
CA LEU B 203 1.26 9.56 -5.88
C LEU B 203 0.70 8.23 -6.25
N ASN B 204 0.92 7.81 -7.48
CA ASN B 204 0.39 6.53 -7.91
C ASN B 204 1.09 5.36 -7.27
N HIS B 205 0.35 4.29 -7.00
CA HIS B 205 0.96 3.12 -6.43
C HIS B 205 0.13 1.88 -6.54
N GLU B 206 0.83 0.75 -6.51
CA GLU B 206 0.24 -0.57 -6.47
C GLU B 206 1.03 -1.22 -5.35
N GLY B 207 0.38 -1.39 -4.19
CA GLY B 207 1.01 -1.96 -3.02
C GLY B 207 1.81 -0.99 -2.16
N ILE B 208 1.70 0.30 -2.44
CA ILE B 208 2.43 1.33 -1.68
C ILE B 208 1.79 1.70 -0.34
N GLU B 209 2.50 2.43 0.51
CA GLU B 209 2.00 2.78 1.83
C GLU B 209 0.73 3.58 1.74
N LYS B 210 -0.01 3.55 2.85
CA LYS B 210 -1.40 4.06 2.99
C LYS B 210 -1.61 5.56 2.79
N GLU B 211 -0.69 6.41 3.20
CA GLU B 211 -1.05 7.84 3.12
C GLU B 211 -1.07 8.24 1.64
N GLN B 212 -2.29 8.42 1.11
CA GLN B 212 -2.49 8.94 -0.26
C GLN B 212 -2.06 10.40 -0.34
N GLY B 213 -2.61 11.24 0.54
CA GLY B 213 -2.31 12.65 0.57
C GLY B 213 -1.26 13.12 1.54
N LEU B 214 -0.40 14.01 1.08
CA LEU B 214 0.62 14.56 1.93
C LEU B 214 0.36 16.02 2.13
N ILE B 215 0.31 16.45 3.36
CA ILE B 215 0.12 17.88 3.62
C ILE B 215 1.47 18.49 3.96
N GLN B 216 1.91 19.44 3.14
CA GLN B 216 3.21 20.07 3.31
C GLN B 216 3.03 21.58 3.31
N LEU B 217 3.68 22.24 4.27
CA LEU B 217 3.64 23.72 4.32
C LEU B 217 4.39 24.24 3.08
N LYS B 218 4.08 25.46 2.64
CA LYS B 218 4.74 26.05 1.50
C LYS B 218 5.47 27.22 2.10
N VAL B 219 6.78 27.31 1.87
CA VAL B 219 7.54 28.45 2.47
C VAL B 219 6.92 29.73 1.92
N PRO B 220 6.55 30.72 2.76
CA PRO B 220 5.92 31.97 2.33
C PRO B 220 6.79 32.73 1.35
N ALA B 221 6.15 33.60 0.58
CA ALA B 221 6.82 34.37 -0.47
C ALA B 221 7.94 35.23 0.09
N HIS C 1 28.33 9.26 -10.97
CA HIS C 1 29.07 10.32 -10.31
C HIS C 1 29.14 11.56 -11.20
N HIS C 2 28.00 12.13 -11.52
CA HIS C 2 27.93 13.30 -12.37
C HIS C 2 27.33 14.41 -11.53
N HIS C 3 27.94 15.59 -11.48
CA HIS C 3 27.32 16.69 -10.70
C HIS C 3 27.21 18.00 -11.44
N HIS C 4 26.20 18.79 -11.07
CA HIS C 4 25.96 20.07 -11.70
C HIS C 4 26.60 21.18 -10.93
N ASP C 5 26.89 22.30 -11.55
CA ASP C 5 27.46 23.43 -10.83
C ASP C 5 26.40 24.08 -9.95
N LYS C 6 26.85 24.70 -8.87
CA LYS C 6 25.93 25.33 -7.93
C LYS C 6 26.70 26.27 -7.01
N ASN C 7 26.13 27.45 -6.75
CA ASN C 7 26.74 28.39 -5.84
C ASN C 7 25.94 28.47 -4.54
N PRO C 8 26.61 28.47 -3.40
CA PRO C 8 25.89 28.49 -2.12
C PRO C 8 25.22 29.84 -1.86
N GLY C 9 24.11 29.78 -1.14
CA GLY C 9 23.37 30.96 -0.75
C GLY C 9 22.29 30.57 0.23
N SER C 10 21.64 31.59 0.77
CA SER C 10 20.53 31.36 1.69
C SER C 10 19.43 30.54 1.01
N GLU C 11 18.76 29.71 1.80
CA GLU C 11 17.69 28.87 1.28
C GLU C 11 16.58 28.74 2.30
N ASN C 12 15.37 28.48 1.86
CA ASN C 12 14.22 28.30 2.72
C ASN C 12 13.55 27.07 2.35
N MET C 13 13.32 26.15 3.26
CA MET C 13 12.66 24.91 2.90
C MET C 13 11.70 24.41 3.92
N THR C 14 10.83 23.52 3.51
CA THR C 14 9.92 22.91 4.43
C THR C 14 10.08 21.44 4.34
N ASN C 15 10.17 20.78 5.47
CA ASN C 15 10.29 19.36 5.47
C ASN C 15 9.19 18.77 6.30
N THR C 16 8.46 17.79 5.82
CA THR C 16 7.40 17.17 6.60
C THR C 16 7.83 15.80 6.95
N ILE C 17 7.59 15.38 8.17
CA ILE C 17 8.06 14.04 8.62
C ILE C 17 6.87 13.20 9.11
N GLY C 18 6.73 11.98 8.58
CA GLY C 18 5.67 11.05 9.00
C GLY C 18 4.33 11.34 8.34
N PRO C 19 3.19 10.93 8.84
CA PRO C 19 2.84 10.35 10.08
C PRO C 19 3.51 9.20 10.63
N HIS C 20 3.96 9.33 11.87
CA HIS C 20 4.65 8.24 12.56
C HIS C 20 3.93 7.94 13.88
N ASP C 21 3.56 6.73 14.13
CA ASP C 21 2.91 6.57 15.37
C ASP C 21 3.85 6.56 16.50
N ARG C 22 3.32 6.94 17.62
CA ARG C 22 4.10 7.07 18.85
C ARG C 22 4.42 5.69 19.40
N GLY C 23 3.43 4.80 19.32
CA GLY C 23 3.55 3.44 19.80
C GLY C 23 4.71 2.59 19.34
N GLY C 24 4.98 2.55 18.06
CA GLY C 24 6.20 1.94 17.57
C GLY C 24 7.38 2.89 17.67
N SER C 25 8.55 2.31 17.97
CA SER C 25 9.76 3.11 18.09
C SER C 25 10.04 3.88 16.81
N SER C 26 10.46 5.14 16.98
CA SER C 26 10.72 5.99 15.83
C SER C 26 11.88 5.45 15.01
N PRO C 27 11.72 5.28 13.71
CA PRO C 27 12.85 4.98 12.84
C PRO C 27 13.60 6.27 12.51
N ILE C 28 14.68 6.13 11.74
CA ILE C 28 15.39 7.30 11.26
C ILE C 28 14.51 8.07 10.29
N TYR C 29 14.54 9.40 10.38
CA TYR C 29 13.72 10.27 9.55
C TYR C 29 14.60 11.32 8.92
N ASN C 30 14.61 11.38 7.59
CA ASN C 30 15.53 12.26 6.87
C ASN C 30 14.95 13.66 6.73
N ILE C 31 15.72 14.64 7.20
CA ILE C 31 15.44 16.04 6.87
C ILE C 31 16.15 16.44 5.58
N LEU C 32 17.37 15.96 5.37
CA LEU C 32 18.10 16.15 4.12
C LEU C 32 18.93 14.90 3.85
N ASN C 33 18.93 14.44 2.61
CA ASN C 33 19.61 13.21 2.21
C ASN C 33 20.73 13.61 1.25
N SER C 34 21.90 13.94 1.82
CA SER C 34 23.05 14.45 1.08
C SER C 34 22.63 15.53 0.08
N TYR C 35 21.91 16.52 0.60
CA TYR C 35 21.52 17.67 -0.21
C TYR C 35 22.76 18.41 -0.69
N LEU C 36 22.78 18.73 -1.97
CA LEU C 36 23.91 19.46 -2.55
C LEU C 36 23.84 20.92 -2.14
N THR C 37 24.87 21.40 -1.45
CA THR C 37 24.94 22.80 -1.04
C THR C 37 25.80 23.66 -1.97
N ALA C 38 26.82 23.07 -2.59
CA ALA C 38 27.67 23.81 -3.52
C ALA C 38 28.41 22.81 -4.40
N TYR C 39 28.82 23.24 -5.58
CA TYR C 39 29.63 22.46 -6.46
C TYR C 39 30.21 23.30 -7.54
N ASN C 40 31.40 22.98 -8.00
CA ASN C 40 31.96 23.66 -9.12
C ASN C 40 33.06 22.97 -9.82
N GLY C 41 32.95 22.86 -11.13
CA GLY C 41 33.98 22.25 -11.92
C GLY C 41 35.29 22.98 -12.03
N SER C 42 35.24 24.26 -12.29
CA SER C 42 36.45 25.04 -12.43
C SER C 42 37.31 25.37 -11.24
N HIS C 43 36.69 25.86 -10.17
CA HIS C 43 37.42 26.29 -9.00
C HIS C 43 37.28 25.46 -7.78
N HIS C 44 37.97 25.86 -6.73
CA HIS C 44 37.94 25.11 -5.48
C HIS C 44 37.66 26.04 -4.31
N LEU C 45 36.68 26.92 -4.48
CA LEU C 45 36.23 27.75 -3.36
C LEU C 45 35.20 27.05 -2.49
N TYR C 46 34.59 25.99 -3.01
CA TYR C 46 33.67 25.14 -2.26
C TYR C 46 34.36 23.88 -1.76
N ASP C 47 35.66 23.96 -1.52
CA ASP C 47 36.49 22.85 -1.05
C ASP C 47 36.50 22.73 0.47
N ARG C 48 35.81 23.60 1.19
CA ARG C 48 35.86 23.59 2.63
C ARG C 48 34.57 24.18 3.21
N MET C 49 33.43 23.67 2.76
CA MET C 49 32.16 24.13 3.27
C MET C 49 32.00 23.70 4.73
N SER C 50 31.66 24.67 5.58
CA SER C 50 31.27 24.41 6.96
C SER C 50 29.86 24.94 7.20
N PHE C 51 29.18 24.33 8.17
CA PHE C 51 27.80 24.68 8.50
C PHE C 51 27.71 24.91 9.99
N LEU C 52 27.41 26.14 10.39
CA LEU C 52 27.38 26.54 11.79
C LEU C 52 25.96 26.85 12.23
N CYS C 53 25.70 26.56 13.47
CA CYS C 53 24.51 26.93 14.12
C CYS C 53 24.61 28.34 14.63
N LEU C 54 23.51 29.02 14.78
CA LEU C 54 23.50 30.38 15.25
C LEU C 54 23.93 30.62 16.68
N SER C 55 23.61 29.70 17.55
CA SER C 55 24.01 29.78 18.92
C SER C 55 24.41 28.42 19.31
N SER C 56 25.32 28.27 20.25
CA SER C 56 25.70 26.96 20.70
C SER C 56 24.99 26.54 21.91
N GLN C 57 24.18 27.40 22.47
CA GLN C 57 23.43 27.07 23.64
C GLN C 57 21.98 27.28 23.45
N ASN C 58 21.61 28.06 22.46
CA ASN C 58 20.22 28.35 22.20
C ASN C 58 19.53 27.35 21.33
N THR C 59 18.54 26.67 21.85
CA THR C 59 17.88 25.62 21.15
C THR C 59 16.75 25.99 20.29
N LEU C 60 16.42 27.24 20.24
CA LEU C 60 15.31 27.71 19.45
C LEU C 60 15.42 27.43 18.00
N ASN C 61 16.60 27.61 17.50
CA ASN C 61 16.85 27.38 16.12
C ASN C 61 17.85 26.29 15.92
N GLY C 62 18.05 25.51 16.93
CA GLY C 62 18.99 24.43 16.90
C GLY C 62 20.25 24.89 17.49
N ALA C 63 20.75 24.19 18.46
CA ALA C 63 21.98 24.58 19.08
C ALA C 63 23.07 23.64 18.75
N CYS C 64 24.15 24.15 18.23
CA CYS C 64 25.27 23.32 17.85
C CYS C 64 26.44 24.21 17.64
N PRO C 65 27.62 23.72 17.33
CA PRO C 65 28.73 24.66 17.34
C PRO C 65 28.56 25.78 16.39
N SER C 66 28.78 26.99 16.82
CA SER C 66 28.59 28.23 16.10
C SER C 66 29.90 28.79 15.54
N SER C 67 30.98 28.02 15.64
CA SER C 67 32.30 28.46 15.19
C SER C 67 32.99 27.33 14.43
N ASP C 68 33.93 27.70 13.59
CA ASP C 68 34.69 26.71 12.83
C ASP C 68 35.56 25.86 13.77
N ALA C 69 35.69 24.58 13.43
CA ALA C 69 36.44 23.66 14.27
C ALA C 69 37.93 24.04 14.28
N PRO C 70 38.58 24.04 15.45
CA PRO C 70 39.90 24.66 15.55
C PRO C 70 41.02 23.86 14.90
N GLY C 71 40.98 22.54 15.01
CA GLY C 71 42.12 21.75 14.60
C GLY C 71 42.23 21.55 13.11
N THR C 72 43.45 21.23 12.67
CA THR C 72 43.66 20.88 11.26
C THR C 72 43.05 19.54 10.93
N ALA C 73 43.13 18.58 11.86
CA ALA C 73 42.57 17.27 11.62
C ALA C 73 41.05 17.33 11.53
N THR C 74 40.50 16.55 10.61
CA THR C 74 39.05 16.51 10.41
C THR C 74 38.38 15.88 11.63
N ILE C 75 37.09 16.11 11.76
CA ILE C 75 36.31 15.51 12.79
C ILE C 75 35.40 14.59 12.02
N ASP C 76 35.54 13.30 12.19
CA ASP C 76 34.76 12.35 11.45
C ASP C 76 33.59 12.01 12.29
N GLY C 77 32.40 12.16 11.75
CA GLY C 77 31.23 11.90 12.53
C GLY C 77 30.00 12.63 12.16
N GLU C 78 29.29 12.97 13.19
CA GLU C 78 28.05 13.65 13.07
C GLU C 78 28.03 14.69 14.10
N THR C 79 27.28 15.73 13.84
CA THR C 79 27.13 16.79 14.75
C THR C 79 25.81 16.64 15.46
N ASN C 80 25.80 16.85 16.74
CA ASN C 80 24.58 16.80 17.54
C ASN C 80 23.95 18.19 17.58
N ILE C 81 22.66 18.24 17.30
CA ILE C 81 21.91 19.50 17.28
C ILE C 81 20.71 19.35 18.20
N THR C 82 20.65 20.20 19.23
CA THR C 82 19.48 20.27 20.11
C THR C 82 18.54 21.33 19.55
N LEU C 83 17.33 20.91 19.20
CA LEU C 83 16.38 21.75 18.48
C LEU C 83 15.02 21.70 19.16
N GLN C 84 14.41 22.87 19.30
CA GLN C 84 13.16 23.01 20.07
C GLN C 84 11.97 22.78 19.16
N PHE C 85 11.12 21.81 19.53
CA PHE C 85 9.90 21.48 18.79
C PHE C 85 8.69 21.99 19.56
N THR C 86 7.78 22.66 18.88
CA THR C 86 6.56 23.16 19.48
C THR C 86 5.31 22.58 18.88
N GLU C 87 4.45 21.98 19.70
CA GLU C 87 3.21 21.43 19.22
C GLU C 87 2.40 22.62 18.86
N LYS C 88 1.72 22.53 17.76
CA LYS C 88 0.92 23.61 17.22
C LYS C 88 -0.30 24.10 17.95
N ARG C 89 -1.04 23.21 18.54
CA ARG C 89 -2.22 23.63 19.20
C ARG C 89 -2.05 23.87 20.65
N SER C 90 -0.93 23.52 21.21
CA SER C 90 -0.73 23.71 22.63
C SER C 90 0.38 24.64 22.96
N LEU C 91 1.27 24.80 22.03
CA LEU C 91 2.42 25.64 22.18
C LEU C 91 3.35 25.11 23.23
N ILE C 92 3.20 23.84 23.54
CA ILE C 92 4.15 23.17 24.41
C ILE C 92 5.46 22.97 23.65
N LYS C 93 6.57 22.98 24.37
CA LYS C 93 7.89 22.94 23.77
C LYS C 93 8.67 21.75 24.31
N ARG C 94 9.24 20.96 23.40
CA ARG C 94 10.17 19.89 23.71
C ARG C 94 11.38 19.99 22.81
N GLU C 95 12.54 19.63 23.35
CA GLU C 95 13.80 19.68 22.62
C GLU C 95 14.21 18.28 22.22
N LEU C 96 14.46 18.09 20.92
CA LEU C 96 14.88 16.80 20.38
C LEU C 96 16.28 16.93 19.81
N GLN C 97 16.89 15.77 19.57
CA GLN C 97 18.23 15.70 19.02
C GLN C 97 18.17 15.51 17.50
N ILE C 98 19.04 16.24 16.79
CA ILE C 98 19.17 16.15 15.36
C ILE C 98 20.62 15.81 15.04
N LYS C 99 20.82 14.91 14.08
CA LYS C 99 22.14 14.52 13.62
C LYS C 99 22.40 15.14 12.25
N GLY C 100 23.58 15.71 12.08
CA GLY C 100 23.94 16.33 10.82
C GLY C 100 25.37 16.04 10.44
N TYR C 101 25.61 15.81 9.14
CA TYR C 101 26.96 15.65 8.64
C TYR C 101 27.01 16.20 7.22
N LYS C 102 28.21 16.63 6.83
CA LYS C 102 28.49 16.97 5.45
C LYS C 102 29.22 15.81 4.78
N GLN C 103 29.51 16.00 3.50
CA GLN C 103 30.31 15.04 2.74
C GLN C 103 30.91 15.79 1.56
N PHE C 104 32.19 15.59 1.33
CA PHE C 104 32.90 16.35 0.33
C PHE C 104 32.85 15.67 -1.03
N LEU C 105 32.92 16.49 -2.08
CA LEU C 105 32.82 16.02 -3.45
C LEU C 105 34.10 16.39 -4.19
N PHE C 106 34.66 15.42 -4.91
CA PHE C 106 35.90 15.60 -5.66
C PHE C 106 35.65 15.22 -7.11
N LYS C 107 36.35 15.88 -8.03
CA LYS C 107 36.13 15.67 -9.45
C LYS C 107 36.58 14.28 -9.89
N ASN C 108 37.83 13.93 -9.60
CA ASN C 108 38.44 12.71 -10.11
C ASN C 108 38.56 11.61 -9.06
N ALA C 109 38.21 11.87 -7.82
CA ALA C 109 38.33 10.90 -6.74
C ALA C 109 36.96 10.65 -6.10
N ASN C 110 36.88 9.55 -5.37
CA ASN C 110 35.67 9.31 -4.58
C ASN C 110 36.15 9.08 -3.15
N CYS C 111 35.85 10.01 -2.26
CA CYS C 111 36.21 9.85 -0.83
C CYS C 111 34.99 10.31 -0.05
N PRO C 112 34.12 9.40 0.42
CA PRO C 112 32.85 9.76 1.00
C PRO C 112 32.71 9.74 2.52
N SER C 113 33.78 10.02 3.21
CA SER C 113 33.75 10.02 4.69
C SER C 113 32.79 11.07 5.18
N LYS C 114 32.04 10.75 6.23
CA LYS C 114 31.12 11.67 6.89
C LYS C 114 31.90 12.54 7.86
N LEU C 115 31.61 13.84 7.83
CA LEU C 115 32.31 14.81 8.68
C LEU C 115 31.31 15.61 9.50
N ALA C 116 31.75 16.04 10.68
CA ALA C 116 30.95 16.94 11.49
C ALA C 116 30.77 18.27 10.76
N LEU C 117 29.66 18.97 11.07
CA LEU C 117 29.24 20.11 10.25
C LEU C 117 30.32 21.18 10.18
N ASN C 118 30.97 21.45 11.30
CA ASN C 118 32.01 22.47 11.37
C ASN C 118 33.41 21.92 11.15
N SER C 119 33.54 20.64 10.77
CA SER C 119 34.84 20.01 10.69
C SER C 119 35.70 20.65 9.60
N SER C 120 37.01 20.46 9.73
CA SER C 120 37.94 20.99 8.75
C SER C 120 37.91 20.17 7.47
N HIS C 121 38.42 20.78 6.40
CA HIS C 121 38.46 20.14 5.10
C HIS C 121 39.65 19.20 4.98
N PHE C 122 39.59 18.34 3.99
CA PHE C 122 40.70 17.45 3.65
C PHE C 122 40.79 17.35 2.14
N GLN C 123 41.87 16.76 1.66
CA GLN C 123 42.05 16.51 0.21
C GLN C 123 42.04 15.01 -0.01
N CYS C 124 41.49 14.54 -1.12
CA CYS C 124 41.45 13.09 -1.44
C CYS C 124 42.48 12.85 -2.53
N ASN C 125 43.44 11.98 -2.28
CA ASN C 125 44.50 11.67 -3.28
C ASN C 125 45.12 12.97 -3.77
N ARG C 126 45.40 13.87 -2.84
CA ARG C 126 46.05 15.14 -3.10
C ARG C 126 45.25 16.03 -4.05
N GLU C 127 43.93 15.85 -4.08
CA GLU C 127 43.03 16.67 -4.89
C GLU C 127 42.11 17.45 -3.98
N GLN C 128 41.88 18.72 -4.32
CA GLN C 128 40.97 19.54 -3.55
C GLN C 128 39.53 19.24 -3.91
N ALA C 129 38.63 19.54 -2.99
CA ALA C 129 37.21 19.30 -3.23
C ALA C 129 36.63 20.40 -4.11
N SER C 130 35.49 20.10 -4.73
CA SER C 130 34.77 21.06 -5.55
C SER C 130 33.40 21.42 -5.02
N GLY C 131 32.81 20.59 -4.16
CA GLY C 131 31.54 20.90 -3.56
C GLY C 131 31.35 20.11 -2.29
N ALA C 132 30.13 20.15 -1.77
CA ALA C 132 29.80 19.43 -0.55
C ALA C 132 28.32 19.11 -0.53
N THR C 133 28.00 17.95 0.04
CA THR C 133 26.62 17.58 0.35
C THR C 133 26.37 17.79 1.84
N LEU C 134 25.10 17.72 2.22
CA LEU C 134 24.69 17.96 3.59
C LEU C 134 23.52 17.05 3.92
N SER C 135 23.65 16.29 5.00
CA SER C 135 22.60 15.39 5.47
C SER C 135 22.20 15.79 6.88
N LEU C 136 20.91 15.74 7.15
CA LEU C 136 20.34 16.01 8.46
C LEU C 136 19.20 15.04 8.69
N TYR C 137 19.11 14.46 9.88
CA TYR C 137 18.06 13.48 10.11
C TYR C 137 17.73 13.40 11.60
N ILE C 138 16.50 12.96 11.87
CA ILE C 138 16.04 12.63 13.21
C ILE C 138 16.47 11.21 13.52
N PRO C 139 17.23 10.99 14.59
CA PRO C 139 17.68 9.62 14.92
C PRO C 139 16.49 8.71 15.23
N ALA C 140 16.79 7.42 15.29
CA ALA C 140 15.77 6.44 15.64
C ALA C 140 15.40 6.57 17.11
N GLY C 141 14.09 6.49 17.39
CA GLY C 141 13.59 6.58 18.74
C GLY C 141 13.40 8.00 19.27
N GLU C 142 13.73 9.02 18.49
CA GLU C 142 13.63 10.39 18.97
C GLU C 142 12.18 10.84 19.10
N LEU C 143 11.34 10.48 18.12
CA LEU C 143 9.94 10.92 18.17
C LEU C 143 9.16 10.28 19.31
N ASN C 144 9.67 9.21 19.91
CA ASN C 144 9.09 8.66 21.13
C ASN C 144 9.46 9.47 22.37
N LYS C 145 10.34 10.47 22.24
CA LYS C 145 10.63 11.39 23.33
C LYS C 145 9.57 12.47 23.47
N LEU C 146 8.61 12.53 22.56
CA LEU C 146 7.58 13.57 22.61
C LEU C 146 6.47 13.16 23.56
N PRO C 147 5.97 14.09 24.37
CA PRO C 147 5.06 13.71 25.46
C PRO C 147 3.68 13.30 24.97
N PHE C 148 3.22 13.80 23.83
CA PHE C 148 1.88 13.48 23.36
C PHE C 148 1.82 13.72 21.85
N GLY C 149 0.83 13.06 21.23
CA GLY C 149 0.65 13.22 19.80
C GLY C 149 0.20 14.62 19.44
N GLY C 150 0.53 15.01 18.21
CA GLY C 150 0.20 16.35 17.73
C GLY C 150 1.19 16.79 16.69
N VAL C 151 0.89 17.94 16.08
CA VAL C 151 1.73 18.53 15.04
C VAL C 151 2.83 19.34 15.74
N TRP C 152 4.03 18.82 15.77
CA TRP C 152 5.16 19.48 16.37
C TRP C 152 5.97 20.17 15.32
N ASN C 153 6.39 21.38 15.57
CA ASN C 153 7.10 22.12 14.58
C ASN C 153 8.37 22.79 15.01
N ALA C 154 9.28 22.99 14.09
CA ALA C 154 10.54 23.63 14.41
C ALA C 154 11.20 24.20 13.25
N VAL C 155 12.06 25.14 13.50
CA VAL C 155 12.78 25.79 12.45
C VAL C 155 14.22 25.67 12.73
N LEU C 156 14.95 25.26 11.74
CA LEU C 156 16.40 25.09 11.84
C LEU C 156 17.10 26.13 10.99
N LYS C 157 18.13 26.75 11.56
CA LYS C 157 18.96 27.72 10.86
C LYS C 157 20.41 27.28 10.95
N LEU C 158 21.03 27.06 9.79
CA LEU C 158 22.45 26.83 9.66
C LEU C 158 23.05 27.90 8.77
N ASN C 159 24.19 28.43 9.17
CA ASN C 159 24.95 29.32 8.31
C ASN C 159 25.82 28.50 7.37
N VAL C 160 25.85 28.89 6.11
CA VAL C 160 26.63 28.21 5.08
C VAL C 160 27.90 29.02 4.86
N LYS C 161 29.04 28.38 5.03
CA LYS C 161 30.31 29.07 5.14
C LYS C 161 31.36 28.39 4.28
N ARG C 162 32.32 29.19 3.82
CA ARG C 162 33.64 28.68 3.49
C ARG C 162 34.50 28.81 4.73
N ARG C 163 35.12 27.71 5.14
CA ARG C 163 35.82 27.64 6.41
C ARG C 163 36.82 28.79 6.56
N TYR C 164 36.75 29.45 7.69
CA TYR C 164 37.63 30.53 7.99
C TYR C 164 37.54 31.55 6.91
N ASP C 165 36.37 31.75 6.35
CA ASP C 165 36.19 32.68 5.29
C ASP C 165 34.78 33.18 5.28
N THR C 166 34.34 33.60 4.12
CA THR C 166 33.03 34.15 3.93
C THR C 166 31.85 33.22 4.17
N THR C 167 30.79 33.77 4.75
CA THR C 167 29.57 33.08 5.03
C THR C 167 28.70 33.38 3.85
N TYR C 168 28.11 32.36 3.27
CA TYR C 168 27.30 32.55 2.09
C TYR C 168 25.83 32.77 2.23
N GLY C 169 25.25 32.36 3.33
CA GLY C 169 23.84 32.50 3.53
C GLY C 169 23.37 31.73 4.71
N THR C 170 22.10 31.45 4.79
CA THR C 170 21.52 30.77 5.91
C THR C 170 20.43 29.88 5.47
N TYR C 171 20.51 28.62 5.81
CA TYR C 171 19.51 27.68 5.45
C TYR C 171 18.47 27.63 6.49
N THR C 172 17.24 27.88 6.13
CA THR C 172 16.16 27.84 7.07
C THR C 172 15.37 26.66 6.67
N ILE C 173 15.13 25.76 7.59
CA ILE C 173 14.40 24.55 7.29
C ILE C 173 13.29 24.45 8.24
N ASN C 174 12.10 24.27 7.70
CA ASN C 174 10.93 24.18 8.47
C ASN C 174 10.59 22.75 8.54
N ILE C 175 10.54 22.24 9.75
CA ILE C 175 10.28 20.87 9.94
C ILE C 175 9.01 20.65 10.67
N THR C 176 8.06 19.99 10.05
CA THR C 176 6.81 19.71 10.66
C THR C 176 6.85 18.28 10.91
N VAL C 177 6.28 17.86 12.00
CA VAL C 177 6.29 16.47 12.45
C VAL C 177 4.89 16.12 12.95
N ASN C 178 4.29 15.10 12.34
CA ASN C 178 2.91 14.69 12.63
C ASN C 178 2.94 13.39 13.44
N LEU C 179 2.76 13.51 14.73
CA LEU C 179 2.77 12.39 15.65
C LEU C 179 1.41 11.92 15.84
N THR C 180 1.26 10.63 15.89
CA THR C 180 0.00 10.03 15.92
C THR C 180 -0.56 9.43 17.19
N ASP C 181 0.18 8.62 17.89
CA ASP C 181 -0.34 7.99 19.11
C ASP C 181 -1.70 7.40 18.94
N LYS C 182 -1.84 6.37 18.15
CA LYS C 182 -3.19 5.87 17.93
C LYS C 182 -3.68 4.92 19.02
N GLY C 183 -2.77 4.23 19.70
CA GLY C 183 -3.17 3.27 20.72
C GLY C 183 -3.36 3.86 22.09
N ASN C 184 -3.49 5.19 22.16
CA ASN C 184 -3.49 5.93 23.41
C ASN C 184 -4.91 6.29 23.80
N ILE C 185 -5.36 5.75 24.92
CA ILE C 185 -6.70 6.00 25.44
C ILE C 185 -6.65 5.95 26.96
N GLN C 186 -7.17 6.98 27.60
CA GLN C 186 -7.21 7.09 29.04
C GLN C 186 -8.50 7.64 29.55
N ILE C 187 -8.78 7.42 30.84
CA ILE C 187 -9.94 7.90 31.57
C ILE C 187 -9.54 8.24 33.01
N TRP C 188 -9.99 9.29 33.68
CA TRP C 188 -9.46 9.51 35.05
C TRP C 188 -10.60 10.02 35.88
N LEU C 189 -10.70 9.92 37.26
CA LEU C 189 -11.89 10.56 37.78
C LEU C 189 -11.02 11.37 38.54
N PRO C 190 -10.87 12.63 38.21
CA PRO C 190 -9.81 13.28 38.99
C PRO C 190 -9.93 13.09 40.46
N GLN C 191 -11.13 13.16 41.01
CA GLN C 191 -11.28 12.92 42.43
C GLN C 191 -10.99 11.43 42.69
N ARG C 197 -15.26 6.32 44.90
CA ARG C 197 -16.55 6.08 45.53
C ARG C 197 -17.30 7.37 45.75
N VAL C 198 -18.62 7.32 45.70
CA VAL C 198 -19.49 8.47 45.88
C VAL C 198 -20.69 8.07 46.74
N ASP C 199 -21.33 9.09 47.29
CA ASP C 199 -22.56 8.96 48.04
C ASP C 199 -23.67 9.70 47.31
N LEU C 200 -24.79 9.03 47.08
CA LEU C 200 -26.02 9.74 46.72
C LEU C 200 -26.54 10.42 47.97
N ASN C 201 -26.49 11.75 47.98
CA ASN C 201 -26.93 12.52 49.15
C ASN C 201 -28.45 12.44 49.20
N LEU C 202 -28.95 11.44 49.92
CA LEU C 202 -30.36 11.07 49.87
C LEU C 202 -31.16 11.83 50.93
N ARG C 203 -32.25 12.44 50.50
CA ARG C 203 -33.10 13.26 51.35
C ARG C 203 -34.56 12.95 51.04
N PRO C 204 -35.46 13.15 52.00
CA PRO C 204 -36.87 12.85 51.76
C PRO C 204 -37.56 13.93 50.96
N THR C 205 -38.69 13.55 50.35
CA THR C 205 -39.55 14.46 49.63
C THR C 205 -40.99 14.17 50.03
N GLY C 206 -41.93 14.88 49.39
CA GLY C 206 -43.33 14.72 49.72
C GLY C 206 -43.92 13.36 49.37
N GLY C 207 -44.55 12.72 50.36
CA GLY C 207 -45.26 11.48 50.13
C GLY C 207 -44.59 10.24 50.66
N GLY C 208 -43.53 10.38 51.47
CA GLY C 208 -42.72 9.25 51.84
C GLY C 208 -41.65 8.89 50.83
N THR C 209 -41.58 9.62 49.72
CA THR C 209 -40.56 9.46 48.68
C THR C 209 -39.24 10.07 49.15
N TYR C 210 -38.14 9.55 48.60
CA TYR C 210 -36.81 10.15 48.73
C TYR C 210 -36.25 10.43 47.35
N ILE C 211 -35.20 11.24 47.30
CA ILE C 211 -34.51 11.55 46.06
C ILE C 211 -33.04 11.77 46.36
N GLY C 212 -32.18 11.16 45.54
CA GLY C 212 -30.76 11.38 45.65
C GLY C 212 -30.17 11.65 44.28
N ARG C 213 -29.11 12.45 44.28
CA ARG C 213 -28.42 12.75 43.03
C ARG C 213 -27.00 13.20 43.36
N ASN C 214 -26.02 12.62 42.66
CA ASN C 214 -24.64 13.02 42.74
C ASN C 214 -24.02 12.81 41.36
N SER C 215 -22.79 13.28 41.19
CA SER C 215 -22.13 13.12 39.90
C SER C 215 -20.62 13.19 40.10
N VAL C 216 -19.90 12.51 39.21
CA VAL C 216 -18.44 12.50 39.20
C VAL C 216 -17.97 13.11 37.88
N ASP C 217 -17.05 14.05 37.97
CA ASP C 217 -16.38 14.60 36.80
C ASP C 217 -15.23 13.69 36.40
N MET C 218 -14.95 13.61 35.10
CA MET C 218 -13.95 12.69 34.61
C MET C 218 -13.12 13.30 33.48
N CYS C 219 -11.91 12.76 33.39
CA CYS C 219 -10.91 13.13 32.40
C CYS C 219 -10.96 11.99 31.41
N PHE C 220 -11.01 12.33 30.13
CA PHE C 220 -11.16 11.31 29.10
C PHE C 220 -10.40 11.71 27.84
N TYR C 221 -9.58 10.79 27.33
CA TYR C 221 -8.75 11.03 26.17
C TYR C 221 -8.62 9.77 25.32
N ASP C 222 -8.54 9.98 24.01
CA ASP C 222 -8.21 8.95 23.03
C ASP C 222 -7.20 9.51 22.05
N GLY C 223 -6.25 8.67 21.65
CA GLY C 223 -5.13 9.06 20.80
C GLY C 223 -5.58 9.86 19.59
N TYR C 224 -4.89 10.97 19.33
CA TYR C 224 -5.37 11.98 18.39
C TYR C 224 -4.36 12.24 17.27
N SER C 225 -4.73 13.15 16.37
CA SER C 225 -4.22 13.26 15.01
C SER C 225 -4.48 11.98 14.20
N THR C 226 -5.11 10.98 14.82
CA THR C 226 -5.61 9.78 14.16
C THR C 226 -6.67 10.15 13.12
N ASN C 227 -7.18 9.12 12.45
CA ASN C 227 -8.46 9.24 11.76
C ASN C 227 -9.58 8.99 12.78
N SER C 228 -10.81 9.31 12.39
CA SER C 228 -11.95 9.07 13.27
C SER C 228 -11.94 7.62 13.75
N SER C 229 -11.99 7.45 15.06
CA SER C 229 -11.96 6.15 15.71
C SER C 229 -13.27 5.93 16.47
N SER C 230 -13.54 4.68 16.79
CA SER C 230 -14.74 4.32 17.52
C SER C 230 -14.38 3.42 18.69
N LEU C 231 -14.99 3.70 19.83
CA LEU C 231 -14.70 3.05 21.09
C LEU C 231 -15.97 2.41 21.63
N GLU C 232 -15.81 1.55 22.63
CA GLU C 232 -16.91 0.83 23.25
C GLU C 232 -16.80 0.94 24.76
N ILE C 233 -17.93 1.20 25.41
CA ILE C 233 -18.00 1.36 26.85
C ILE C 233 -19.16 0.54 27.38
N ARG C 234 -18.94 -0.14 28.50
CA ARG C 234 -19.96 -0.99 29.11
C ARG C 234 -20.12 -0.62 30.58
N PHE C 235 -21.34 -0.65 31.05
CA PHE C 235 -21.60 -0.32 32.42
C PHE C 235 -22.23 -1.50 33.02
N GLN C 236 -21.72 -1.96 34.13
CA GLN C 236 -22.28 -3.11 34.76
C GLN C 236 -22.22 -3.14 36.25
N ASP C 237 -23.23 -3.74 36.83
CA ASP C 237 -23.33 -3.85 38.24
C ASP C 237 -23.33 -5.28 38.41
N ASP C 238 -22.65 -5.71 39.43
CA ASP C 238 -22.56 -7.10 39.70
C ASP C 238 -23.94 -7.61 39.93
N ASN C 239 -24.72 -6.86 40.69
CA ASN C 239 -26.05 -7.26 41.05
C ASN C 239 -26.90 -7.06 39.83
N SER C 240 -26.40 -7.63 38.75
CA SER C 240 -27.03 -7.53 37.45
C SER C 240 -27.95 -8.69 37.23
N LYS C 241 -29.24 -8.41 37.19
CA LYS C 241 -30.24 -9.45 37.03
C LYS C 241 -30.82 -9.61 35.67
N SER C 242 -30.17 -9.04 34.70
CA SER C 242 -30.62 -9.15 33.34
C SER C 242 -31.84 -8.33 33.11
N ASP C 243 -31.98 -7.29 33.91
CA ASP C 243 -33.09 -6.38 33.76
C ASP C 243 -32.61 -5.22 32.96
N GLY C 244 -31.34 -4.87 33.14
CA GLY C 244 -30.80 -3.70 32.51
C GLY C 244 -30.87 -2.61 33.54
N LYS C 245 -31.26 -3.00 34.74
CA LYS C 245 -31.36 -2.07 35.85
C LYS C 245 -30.20 -2.25 36.82
N PHE C 246 -29.74 -1.17 37.41
CA PHE C 246 -28.66 -1.22 38.36
C PHE C 246 -29.28 -1.37 39.73
N TYR C 247 -28.64 -1.99 40.69
CA TYR C 247 -29.23 -2.17 42.02
C TYR C 247 -28.31 -1.99 43.22
N LEU C 248 -28.89 -1.62 44.34
CA LEU C 248 -28.16 -1.47 45.57
C LEU C 248 -28.86 -2.39 46.50
N LYS C 249 -28.09 -3.30 47.10
CA LYS C 249 -28.59 -4.30 48.02
C LYS C 249 -28.14 -3.89 49.41
N LYS C 250 -29.02 -4.00 50.41
CA LYS C 250 -28.54 -3.64 51.72
C LYS C 250 -27.43 -4.51 52.03
N ILE C 251 -26.37 -3.95 52.58
CA ILE C 251 -25.24 -4.74 52.95
C ILE C 251 -25.79 -5.58 54.08
N ASN C 252 -25.51 -6.86 54.06
CA ASN C 252 -26.02 -7.75 55.08
C ASN C 252 -27.45 -8.19 54.83
N ASP C 253 -28.06 -7.70 53.76
CA ASP C 253 -29.42 -8.09 53.46
C ASP C 253 -29.63 -8.17 51.98
N ASP C 254 -29.22 -9.27 51.41
CA ASP C 254 -29.31 -9.45 49.98
C ASP C 254 -30.76 -9.40 49.58
N SER C 255 -31.64 -9.63 50.53
CA SER C 255 -33.05 -9.65 50.18
C SER C 255 -33.56 -8.34 49.64
N LYS C 256 -33.19 -7.24 50.29
CA LYS C 256 -33.64 -5.91 49.88
C LYS C 256 -32.81 -5.23 48.81
N GLU C 257 -33.48 -4.66 47.83
CA GLU C 257 -32.79 -4.00 46.76
C GLU C 257 -33.42 -2.65 46.51
N LEU C 258 -32.60 -1.72 46.06
CA LEU C 258 -33.02 -0.39 45.76
C LEU C 258 -32.49 -0.13 44.38
N VAL C 259 -33.18 0.67 43.61
CA VAL C 259 -32.83 0.93 42.26
C VAL C 259 -32.31 2.30 41.97
N TYR C 260 -31.29 2.39 41.14
CA TYR C 260 -30.76 3.70 40.77
C TYR C 260 -30.43 3.68 39.29
N THR C 261 -30.13 4.86 38.74
CA THR C 261 -29.86 5.04 37.32
C THR C 261 -28.58 5.85 37.14
N LEU C 262 -27.98 5.73 35.95
CA LEU C 262 -26.80 6.50 35.58
C LEU C 262 -27.06 7.23 34.27
N SER C 263 -26.39 8.37 34.13
CA SER C 263 -26.42 9.17 32.92
C SER C 263 -25.03 9.77 32.72
N LEU C 264 -24.62 9.92 31.49
CA LEU C 264 -23.31 10.43 31.29
C LEU C 264 -23.31 11.46 30.22
N LEU C 265 -22.68 12.59 30.46
CA LEU C 265 -22.57 13.62 29.47
C LEU C 265 -21.13 13.47 29.23
N LEU C 266 -20.75 13.23 28.00
CA LEU C 266 -19.34 13.07 27.72
C LEU C 266 -18.95 13.97 26.61
N ALA C 267 -18.20 15.00 26.92
CA ALA C 267 -17.75 15.91 25.88
C ALA C 267 -18.83 16.53 25.00
N GLY C 268 -19.98 16.81 25.59
CA GLY C 268 -21.14 17.35 24.89
C GLY C 268 -22.19 16.35 24.44
N LYS C 269 -21.97 15.07 24.70
CA LYS C 269 -22.91 14.04 24.31
C LYS C 269 -23.54 13.39 25.54
N ASN C 270 -24.86 13.21 25.52
CA ASN C 270 -25.61 12.64 26.65
C ASN C 270 -26.29 11.30 26.50
N LEU C 271 -25.97 10.38 27.40
CA LEU C 271 -26.59 9.07 27.37
C LEU C 271 -26.89 8.43 28.68
N THR C 272 -27.88 7.57 28.65
CA THR C 272 -28.26 6.79 29.80
C THR C 272 -28.01 5.41 29.36
N PRO C 273 -27.24 4.67 30.12
CA PRO C 273 -27.04 3.26 29.81
C PRO C 273 -27.79 2.31 30.73
N THR C 274 -28.34 1.23 30.15
CA THR C 274 -28.87 0.14 30.95
C THR C 274 -27.73 -0.68 31.53
N ASN C 275 -28.08 -1.74 32.27
CA ASN C 275 -27.11 -2.50 33.06
C ASN C 275 -26.60 -3.68 32.25
N GLY C 276 -25.53 -3.46 31.49
CA GLY C 276 -24.95 -4.48 30.64
C GLY C 276 -24.85 -4.03 29.20
N GLN C 277 -25.47 -2.89 28.91
CA GLN C 277 -25.43 -2.33 27.58
C GLN C 277 -24.02 -1.87 27.23
N ALA C 278 -23.71 -1.92 25.94
CA ALA C 278 -22.46 -1.40 25.40
C ALA C 278 -22.75 -0.23 24.48
N LEU C 279 -21.94 0.82 24.60
CA LEU C 279 -22.16 2.06 23.87
C LEU C 279 -20.95 2.35 23.00
N ASN C 280 -21.19 2.59 21.71
CA ASN C 280 -20.14 3.07 20.82
C ASN C 280 -20.03 4.58 20.92
N ILE C 281 -18.80 5.08 20.94
CA ILE C 281 -18.52 6.51 20.90
C ILE C 281 -17.66 6.75 19.66
N ASN C 282 -18.18 7.53 18.73
CA ASN C 282 -17.37 8.06 17.64
C ASN C 282 -16.61 9.27 18.16
N THR C 283 -15.27 9.23 18.03
CA THR C 283 -14.44 10.33 18.50
C THR C 283 -14.79 11.65 17.82
N ALA C 284 -15.41 11.60 16.63
CA ALA C 284 -15.90 12.81 16.00
C ALA C 284 -16.82 13.60 16.94
N SER C 285 -17.61 12.90 17.74
CA SER C 285 -18.50 13.52 18.73
C SER C 285 -17.74 14.44 19.69
N SER C 302 3.52 5.74 27.54
CA SER C 302 3.53 7.19 27.24
C SER C 302 2.10 7.62 26.89
N VAL C 303 1.51 8.51 27.71
CA VAL C 303 0.10 8.97 27.50
C VAL C 303 -0.04 10.49 27.73
N PRO C 304 -1.12 11.14 27.26
CA PRO C 304 -1.35 12.59 27.41
C PRO C 304 -2.37 12.99 28.50
N VAL C 305 -1.98 13.95 29.35
CA VAL C 305 -2.78 14.47 30.51
C VAL C 305 -4.06 15.23 30.10
N LEU C 306 -4.04 16.01 29.01
CA LEU C 306 -5.22 16.84 28.60
C LEU C 306 -6.44 15.94 28.36
N CYS C 307 -7.65 16.37 28.77
CA CYS C 307 -8.80 15.49 28.59
C CYS C 307 -10.06 16.22 28.19
N TRP C 308 -10.82 15.68 27.24
CA TRP C 308 -12.13 16.26 26.92
C TRP C 308 -13.01 15.98 28.13
N PRO C 309 -13.82 16.91 28.65
CA PRO C 309 -14.62 16.67 29.82
C PRO C 309 -15.80 15.71 29.68
N GLY C 310 -16.07 15.01 30.77
CA GLY C 310 -17.21 14.10 30.86
C GLY C 310 -17.75 14.09 32.27
N ARG C 311 -18.99 13.70 32.43
CA ARG C 311 -19.59 13.59 33.75
C ARG C 311 -20.55 12.41 33.77
N LEU C 312 -20.28 11.46 34.67
CA LEU C 312 -21.26 10.45 35.03
C LEU C 312 -22.08 10.96 36.19
N GLN C 313 -23.40 10.83 36.08
CA GLN C 313 -24.32 11.29 37.12
C GLN C 313 -25.20 10.13 37.56
N LEU C 314 -25.33 9.98 38.86
CA LEU C 314 -26.13 8.95 39.48
C LEU C 314 -27.40 9.59 39.95
N ASP C 315 -28.49 8.84 40.07
CA ASP C 315 -29.75 9.41 40.47
C ASP C 315 -30.55 8.30 41.06
N ALA C 316 -31.51 8.58 41.92
CA ALA C 316 -32.34 7.54 42.50
C ALA C 316 -33.64 8.12 43.03
N LYS C 317 -34.74 7.38 43.01
CA LYS C 317 -36.00 7.83 43.53
C LYS C 317 -36.50 6.67 44.32
N VAL C 318 -36.65 6.82 45.62
CA VAL C 318 -37.12 5.71 46.43
C VAL C 318 -38.20 6.03 47.40
N LYS C 319 -39.22 5.18 47.44
CA LYS C 319 -40.32 5.39 48.36
C LYS C 319 -40.34 4.33 49.44
N ASN C 320 -40.58 4.74 50.68
CA ASN C 320 -40.68 3.81 51.77
C ASN C 320 -39.48 2.90 51.87
N PRO C 321 -38.30 3.53 52.16
CA PRO C 321 -37.15 2.66 52.22
C PRO C 321 -36.58 2.42 53.60
N GLU C 322 -36.22 1.19 53.91
CA GLU C 322 -35.63 0.79 55.17
C GLU C 322 -34.26 1.40 55.46
N ALA C 323 -34.01 1.75 56.70
CA ALA C 323 -32.77 2.37 57.08
C ALA C 323 -31.66 1.39 57.10
N GLY C 324 -30.44 1.89 57.14
CA GLY C 324 -29.23 1.09 57.13
C GLY C 324 -28.55 1.36 55.82
N GLN C 325 -27.24 1.22 55.74
CA GLN C 325 -26.54 1.52 54.50
C GLN C 325 -26.71 0.55 53.35
N TYR C 326 -26.43 1.03 52.15
CA TYR C 326 -26.53 0.24 50.99
C TYR C 326 -25.27 0.51 50.26
N MET C 327 -24.87 -0.41 49.42
CA MET C 327 -23.66 -0.23 48.67
C MET C 327 -23.85 -0.73 47.28
N GLY C 328 -23.11 -0.19 46.33
CA GLY C 328 -23.18 -0.61 44.97
C GLY C 328 -21.84 -0.46 44.29
N ASN C 329 -21.41 -1.47 43.57
CA ASN C 329 -20.18 -1.42 42.81
C ASN C 329 -20.52 -1.48 41.32
N ILE C 330 -19.84 -0.65 40.53
CA ILE C 330 -20.10 -0.54 39.11
C ILE C 330 -18.78 -0.63 38.34
N LYS C 331 -18.72 -1.57 37.40
CA LYS C 331 -17.58 -1.73 36.51
C LYS C 331 -17.86 -1.00 35.20
N ILE C 332 -16.91 -0.20 34.75
CA ILE C 332 -17.01 0.57 33.52
C ILE C 332 -15.84 0.16 32.63
N THR C 333 -16.14 -0.64 31.60
CA THR C 333 -15.12 -1.26 30.76
C THR C 333 -14.89 -0.41 29.51
N PHE C 334 -13.62 -0.21 29.17
CA PHE C 334 -13.22 0.61 28.03
C PHE C 334 -12.54 -0.27 27.00
N THR C 335 -13.04 -0.24 25.77
CA THR C 335 -12.60 -1.16 24.74
C THR C 335 -12.81 -0.52 23.38
N PRO C 336 -11.91 -0.75 22.43
CA PRO C 336 -12.29 -0.60 21.02
C PRO C 336 -13.30 -1.68 20.68
N SER C 337 -14.21 -1.36 19.77
CA SER C 337 -15.19 -2.35 19.35
C SER C 337 -14.79 -2.97 18.02
N SER C 338 -15.48 -4.06 17.68
CA SER C 338 -15.19 -4.81 16.46
C SER C 338 -15.83 -4.20 15.22
N GLN C 339 -17.01 -3.61 15.35
CA GLN C 339 -17.71 -2.97 14.23
C GLN C 339 -17.08 -1.63 13.87
N THR C 340 -15.74 -1.58 13.83
CA THR C 340 -15.03 -0.36 13.50
C THR C 340 -14.23 -0.52 12.22
N LEU C 341 -13.34 0.43 11.96
CA LEU C 341 -12.50 0.40 10.76
C LEU C 341 -11.02 0.61 11.12
N HIS D 1 -14.50 -25.15 16.79
CA HIS D 1 -15.59 -25.56 17.66
C HIS D 1 -16.88 -24.89 17.26
N HIS D 2 -16.86 -23.57 17.23
CA HIS D 2 -18.10 -22.87 16.89
C HIS D 2 -18.36 -22.75 15.43
N HIS D 3 -19.46 -23.38 15.03
CA HIS D 3 -19.99 -23.35 13.69
C HIS D 3 -21.45 -23.18 14.00
N HIS D 4 -22.20 -22.61 13.08
CA HIS D 4 -23.61 -22.45 13.29
C HIS D 4 -24.15 -23.53 12.44
N ASP D 5 -25.45 -23.69 12.43
CA ASP D 5 -26.10 -24.73 11.65
C ASP D 5 -26.37 -24.24 10.23
N LYS D 6 -26.34 -25.17 9.28
CA LYS D 6 -26.55 -24.84 7.89
C LYS D 6 -26.96 -26.08 7.12
N ASN D 7 -27.97 -25.94 6.27
CA ASN D 7 -28.41 -27.00 5.39
C ASN D 7 -28.05 -26.68 3.94
N PRO D 8 -27.61 -27.66 3.18
CA PRO D 8 -27.11 -27.40 1.83
C PRO D 8 -28.25 -27.14 0.83
N GLY D 9 -27.84 -26.84 -0.39
CA GLY D 9 -28.74 -26.46 -1.45
C GLY D 9 -28.05 -25.55 -2.43
N SER D 10 -28.74 -25.29 -3.54
CA SER D 10 -28.18 -24.46 -4.59
C SER D 10 -27.77 -23.09 -4.05
N GLU D 11 -26.60 -22.62 -4.49
CA GLU D 11 -26.12 -21.29 -4.15
C GLU D 11 -25.52 -20.65 -5.39
N ASN D 12 -25.53 -19.33 -5.41
CA ASN D 12 -25.08 -18.54 -6.55
C ASN D 12 -24.20 -17.41 -6.03
N MET D 13 -22.91 -17.49 -6.31
CA MET D 13 -21.92 -16.56 -5.85
C MET D 13 -20.91 -16.18 -6.88
N THR D 14 -20.18 -15.13 -6.65
CA THR D 14 -19.20 -14.62 -7.54
C THR D 14 -17.89 -14.42 -6.91
N ASN D 15 -16.84 -14.68 -7.64
CA ASN D 15 -15.51 -14.53 -7.13
C ASN D 15 -14.74 -13.71 -8.10
N THR D 16 -13.89 -12.84 -7.63
CA THR D 16 -13.10 -12.00 -8.49
C THR D 16 -11.67 -12.20 -8.08
N ILE D 17 -10.78 -12.26 -9.04
CA ILE D 17 -9.38 -12.49 -8.83
C ILE D 17 -8.55 -11.40 -9.46
N GLY D 18 -7.55 -10.90 -8.77
CA GLY D 18 -6.62 -9.91 -9.28
C GLY D 18 -6.89 -8.51 -8.77
N PRO D 19 -6.35 -7.49 -9.46
CA PRO D 19 -5.53 -7.61 -10.68
C PRO D 19 -4.15 -8.25 -10.48
N HIS D 20 -3.95 -9.40 -11.10
CA HIS D 20 -2.66 -10.03 -11.23
C HIS D 20 -2.04 -9.67 -12.58
N ASP D 21 -0.71 -9.74 -12.65
CA ASP D 21 0.02 -9.38 -13.85
C ASP D 21 0.70 -10.60 -14.45
N ARG D 22 0.74 -10.66 -15.79
CA ARG D 22 1.27 -11.84 -16.47
C ARG D 22 2.76 -12.00 -16.25
N GLY D 23 3.50 -10.90 -16.13
CA GLY D 23 4.95 -10.98 -15.98
C GLY D 23 5.40 -11.72 -14.75
N GLY D 24 4.62 -11.64 -13.68
CA GLY D 24 4.94 -12.35 -12.43
C GLY D 24 4.16 -13.65 -12.33
N SER D 25 4.84 -14.69 -11.84
CA SER D 25 4.20 -15.99 -11.69
C SER D 25 2.94 -15.87 -10.83
N SER D 26 1.94 -16.65 -11.18
CA SER D 26 0.66 -16.60 -10.46
C SER D 26 0.82 -17.19 -9.07
N PRO D 27 0.48 -16.46 -8.00
CA PRO D 27 0.35 -17.09 -6.69
C PRO D 27 -0.90 -17.95 -6.64
N ILE D 28 -1.05 -18.68 -5.53
CA ILE D 28 -2.31 -19.34 -5.26
C ILE D 28 -3.39 -18.27 -5.14
N TYR D 29 -4.51 -18.47 -5.84
CA TYR D 29 -5.65 -17.57 -5.77
C TYR D 29 -6.86 -18.34 -5.27
N ASN D 30 -7.41 -17.91 -4.15
CA ASN D 30 -8.46 -18.64 -3.47
C ASN D 30 -9.81 -18.30 -4.07
N ILE D 31 -10.60 -19.33 -4.35
CA ILE D 31 -11.98 -19.18 -4.78
C ILE D 31 -12.96 -19.41 -3.63
N LEU D 32 -12.82 -20.55 -2.95
CA LEU D 32 -13.52 -20.81 -1.70
C LEU D 32 -12.50 -21.26 -0.66
N ASN D 33 -12.58 -20.67 0.52
CA ASN D 33 -11.61 -20.92 1.60
C ASN D 33 -12.36 -21.56 2.76
N SER D 34 -12.36 -22.89 2.80
CA SER D 34 -13.00 -23.65 3.87
C SER D 34 -14.46 -23.25 4.03
N TYR D 35 -15.10 -22.86 2.93
CA TYR D 35 -16.48 -22.42 2.95
C TYR D 35 -17.38 -23.52 3.52
N LEU D 36 -18.21 -23.13 4.48
CA LEU D 36 -19.13 -24.08 5.09
C LEU D 36 -20.29 -24.36 4.14
N THR D 37 -20.52 -25.65 3.86
CA THR D 37 -21.59 -26.07 2.97
C THR D 37 -22.77 -26.71 3.69
N ALA D 38 -22.51 -27.32 4.83
CA ALA D 38 -23.55 -27.94 5.59
C ALA D 38 -23.13 -28.10 7.03
N TYR D 39 -24.05 -28.12 7.95
CA TYR D 39 -23.73 -28.37 9.34
C TYR D 39 -24.90 -28.66 10.23
N ASN D 40 -24.74 -29.58 11.17
CA ASN D 40 -25.80 -29.85 12.12
C ASN D 40 -25.32 -30.46 13.37
N GLY D 41 -25.50 -29.79 14.49
CA GLY D 41 -25.06 -30.36 15.75
C GLY D 41 -25.76 -31.60 16.21
N SER D 42 -27.07 -31.61 16.08
CA SER D 42 -27.85 -32.75 16.50
C SER D 42 -27.64 -34.04 15.78
N HIS D 43 -27.63 -33.99 14.46
CA HIS D 43 -27.52 -35.23 13.69
C HIS D 43 -26.35 -35.38 12.80
N HIS D 44 -26.32 -36.50 12.10
CA HIS D 44 -25.22 -36.80 11.26
C HIS D 44 -25.80 -37.19 9.93
N LEU D 45 -26.42 -36.21 9.31
CA LEU D 45 -26.95 -36.35 7.98
C LEU D 45 -26.03 -35.73 7.00
N TYR D 46 -25.01 -35.04 7.49
CA TYR D 46 -24.03 -34.36 6.69
C TYR D 46 -22.68 -34.97 6.91
N ASP D 47 -22.66 -36.22 7.31
CA ASP D 47 -21.41 -36.93 7.58
C ASP D 47 -20.75 -37.46 6.32
N ARG D 48 -21.28 -37.16 5.13
CA ARG D 48 -20.74 -37.74 3.91
C ARG D 48 -20.99 -36.79 2.74
N MET D 49 -20.88 -35.49 2.97
CA MET D 49 -21.08 -34.51 1.91
C MET D 49 -20.09 -34.75 0.78
N SER D 50 -20.61 -34.96 -0.42
CA SER D 50 -19.78 -35.03 -1.62
C SER D 50 -20.11 -33.87 -2.54
N PHE D 51 -19.22 -33.62 -3.50
CA PHE D 51 -19.34 -32.53 -4.45
C PHE D 51 -18.89 -33.04 -5.81
N LEU D 52 -19.79 -33.04 -6.78
CA LEU D 52 -19.54 -33.66 -8.08
C LEU D 52 -19.64 -32.63 -9.20
N CYS D 53 -18.66 -32.65 -10.10
CA CYS D 53 -18.78 -31.90 -11.33
C CYS D 53 -19.93 -32.47 -12.15
N LEU D 54 -20.49 -31.63 -13.03
CA LEU D 54 -21.61 -32.06 -13.84
C LEU D 54 -21.19 -33.03 -14.93
N SER D 55 -20.00 -32.86 -15.47
CA SER D 55 -19.45 -33.77 -16.48
C SER D 55 -18.03 -34.14 -16.12
N SER D 56 -17.59 -35.29 -16.56
CA SER D 56 -16.23 -35.70 -16.33
C SER D 56 -15.38 -35.40 -17.53
N GLN D 57 -16.00 -34.94 -18.59
CA GLN D 57 -15.28 -34.59 -19.77
C GLN D 57 -15.51 -33.17 -20.23
N ASN D 58 -16.65 -32.61 -19.90
CA ASN D 58 -16.98 -31.29 -20.35
C ASN D 58 -16.56 -30.18 -19.42
N THR D 59 -15.54 -29.49 -19.86
CA THR D 59 -14.89 -28.45 -19.13
C THR D 59 -15.63 -27.18 -19.09
N LEU D 60 -16.74 -27.12 -19.78
CA LEU D 60 -17.51 -25.87 -19.84
C LEU D 60 -17.91 -25.40 -18.45
N ASN D 61 -18.37 -26.32 -17.59
CA ASN D 61 -18.68 -26.02 -16.21
C ASN D 61 -17.65 -26.60 -15.24
N GLY D 62 -16.50 -27.06 -15.75
CA GLY D 62 -15.54 -27.77 -14.94
C GLY D 62 -15.70 -29.27 -15.07
N ALA D 63 -14.64 -29.96 -15.46
CA ALA D 63 -14.65 -31.40 -15.69
C ALA D 63 -13.86 -32.09 -14.60
N CYS D 64 -14.52 -32.98 -13.85
CA CYS D 64 -13.93 -33.74 -12.75
C CYS D 64 -14.91 -34.88 -12.44
N PRO D 65 -14.60 -35.80 -11.49
CA PRO D 65 -15.52 -36.92 -11.24
C PRO D 65 -16.98 -36.50 -11.08
N SER D 66 -17.84 -37.00 -11.97
CA SER D 66 -19.26 -36.68 -11.99
C SER D 66 -20.10 -37.69 -11.22
N SER D 67 -19.45 -38.61 -10.54
CA SER D 67 -20.10 -39.63 -9.75
C SER D 67 -19.33 -39.90 -8.50
N ASP D 68 -19.93 -40.57 -7.55
CA ASP D 68 -19.33 -40.84 -6.27
C ASP D 68 -18.15 -41.73 -6.36
N ALA D 69 -17.20 -41.61 -5.44
CA ALA D 69 -16.02 -42.46 -5.48
C ALA D 69 -16.40 -43.89 -5.14
N PRO D 70 -15.92 -44.88 -5.89
CA PRO D 70 -16.44 -46.25 -5.70
C PRO D 70 -16.17 -46.86 -4.34
N GLY D 71 -14.92 -46.85 -3.88
CA GLY D 71 -14.55 -47.61 -2.71
C GLY D 71 -14.90 -46.93 -1.40
N THR D 72 -14.93 -47.73 -0.34
CA THR D 72 -15.18 -47.20 1.01
C THR D 72 -14.00 -46.40 1.52
N ALA D 73 -12.78 -46.86 1.24
CA ALA D 73 -11.58 -46.14 1.67
C ALA D 73 -11.57 -44.74 1.05
N THR D 74 -11.13 -43.76 1.83
CA THR D 74 -11.18 -42.37 1.43
C THR D 74 -10.11 -42.06 0.39
N ILE D 75 -10.14 -40.85 -0.13
CA ILE D 75 -9.20 -40.38 -1.14
C ILE D 75 -8.63 -39.07 -0.62
N ASP D 76 -7.49 -39.13 0.04
CA ASP D 76 -6.89 -37.96 0.57
C ASP D 76 -6.18 -37.20 -0.54
N GLY D 77 -6.48 -35.93 -0.68
CA GLY D 77 -5.87 -35.14 -1.72
C GLY D 77 -6.76 -34.07 -2.21
N GLU D 78 -6.57 -33.64 -3.43
CA GLU D 78 -7.35 -32.60 -3.97
C GLU D 78 -7.77 -33.13 -5.26
N THR D 79 -8.89 -32.64 -5.75
CA THR D 79 -9.44 -33.02 -7.02
C THR D 79 -8.98 -32.03 -8.05
N ASN D 80 -8.57 -32.49 -9.19
CA ASN D 80 -8.20 -31.66 -10.33
C ASN D 80 -9.45 -31.36 -11.16
N ILE D 81 -9.63 -30.08 -11.49
CA ILE D 81 -10.80 -29.61 -12.22
C ILE D 81 -10.31 -28.80 -13.42
N THR D 82 -10.60 -29.29 -14.62
CA THR D 82 -10.32 -28.54 -15.84
C THR D 82 -11.52 -27.65 -16.14
N LEU D 83 -11.30 -26.35 -16.11
CA LEU D 83 -12.35 -25.37 -16.29
C LEU D 83 -12.10 -24.40 -17.42
N GLN D 84 -13.08 -24.13 -18.25
CA GLN D 84 -12.93 -23.25 -19.39
C GLN D 84 -13.09 -21.82 -19.08
N PHE D 85 -12.16 -21.00 -19.50
CA PHE D 85 -12.24 -19.59 -19.23
C PHE D 85 -12.38 -18.87 -20.49
N THR D 86 -13.33 -17.97 -20.59
CA THR D 86 -13.58 -17.25 -21.80
C THR D 86 -13.23 -15.82 -21.63
N GLU D 87 -12.50 -15.26 -22.56
CA GLU D 87 -12.13 -13.84 -22.47
C GLU D 87 -13.30 -12.98 -22.93
N LYS D 88 -13.40 -11.80 -22.32
CA LYS D 88 -14.64 -11.03 -22.44
C LYS D 88 -14.75 -10.29 -23.77
N ARG D 89 -13.66 -9.70 -24.26
CA ARG D 89 -13.70 -8.89 -25.48
C ARG D 89 -13.04 -9.57 -26.67
N SER D 90 -12.59 -10.81 -26.52
CA SER D 90 -12.16 -11.62 -27.64
C SER D 90 -12.90 -12.94 -27.78
N LEU D 91 -13.62 -13.39 -26.74
CA LEU D 91 -14.36 -14.65 -26.72
C LEU D 91 -13.46 -15.85 -26.96
N ILE D 92 -12.15 -15.66 -26.81
CA ILE D 92 -11.20 -16.75 -26.78
C ILE D 92 -11.47 -17.59 -25.54
N LYS D 93 -11.33 -18.91 -25.69
CA LYS D 93 -11.56 -19.85 -24.60
C LYS D 93 -10.28 -20.59 -24.27
N ARG D 94 -9.91 -20.66 -23.00
CA ARG D 94 -8.78 -21.42 -22.58
C ARG D 94 -9.16 -22.14 -21.35
N GLU D 95 -8.57 -23.29 -21.12
CA GLU D 95 -8.85 -24.13 -19.97
C GLU D 95 -7.77 -24.12 -18.95
N LEU D 96 -8.10 -23.81 -17.72
CA LEU D 96 -7.19 -23.80 -16.63
C LEU D 96 -7.54 -24.87 -15.65
N GLN D 97 -6.60 -25.25 -14.80
CA GLN D 97 -6.75 -26.26 -13.76
C GLN D 97 -7.19 -25.61 -12.46
N ILE D 98 -8.16 -26.24 -11.80
CA ILE D 98 -8.67 -25.80 -10.51
C ILE D 98 -8.52 -26.96 -9.54
N LYS D 99 -7.98 -26.67 -8.35
CA LYS D 99 -7.89 -27.65 -7.29
C LYS D 99 -9.09 -27.50 -6.37
N GLY D 100 -9.63 -28.64 -5.94
CA GLY D 100 -10.75 -28.64 -5.02
C GLY D 100 -10.65 -29.74 -3.98
N TYR D 101 -11.01 -29.43 -2.74
CA TYR D 101 -11.02 -30.43 -1.69
C TYR D 101 -12.08 -30.07 -0.67
N LYS D 102 -12.36 -31.03 0.22
CA LYS D 102 -13.33 -30.86 1.29
C LYS D 102 -12.67 -31.20 2.61
N GLN D 103 -13.42 -30.99 3.69
CA GLN D 103 -12.91 -31.21 5.05
C GLN D 103 -14.10 -31.40 5.96
N PHE D 104 -14.13 -32.51 6.69
CA PHE D 104 -15.26 -32.80 7.54
C PHE D 104 -15.08 -32.14 8.91
N LEU D 105 -16.21 -31.93 9.58
CA LEU D 105 -16.25 -31.28 10.88
C LEU D 105 -16.84 -32.24 11.91
N PHE D 106 -16.10 -32.45 13.00
CA PHE D 106 -16.52 -33.33 14.07
C PHE D 106 -16.73 -32.51 15.34
N LYS D 107 -17.85 -32.75 16.03
CA LYS D 107 -18.21 -31.90 17.16
C LYS D 107 -17.21 -32.05 18.30
N ASN D 108 -16.92 -33.29 18.71
CA ASN D 108 -16.06 -33.55 19.85
C ASN D 108 -14.69 -34.09 19.44
N ALA D 109 -14.22 -33.75 18.24
CA ALA D 109 -12.91 -34.16 17.80
C ALA D 109 -12.45 -33.26 16.67
N ASN D 110 -11.16 -33.30 16.38
CA ASN D 110 -10.58 -32.62 15.24
C ASN D 110 -9.85 -33.62 14.35
N CYS D 111 -10.34 -33.78 13.12
CA CYS D 111 -9.60 -34.43 12.04
C CYS D 111 -9.61 -33.44 10.87
N PRO D 112 -8.47 -32.95 10.44
CA PRO D 112 -8.46 -31.85 9.47
C PRO D 112 -8.03 -32.26 8.07
N SER D 113 -8.04 -33.56 7.78
CA SER D 113 -7.49 -34.05 6.53
C SER D 113 -8.26 -33.49 5.34
N LYS D 114 -7.52 -33.08 4.31
CA LYS D 114 -8.14 -32.66 3.05
C LYS D 114 -8.50 -33.89 2.23
N LEU D 115 -9.71 -33.91 1.69
CA LEU D 115 -10.20 -35.02 0.90
C LEU D 115 -10.58 -34.56 -0.50
N ALA D 116 -10.50 -35.43 -1.46
CA ALA D 116 -10.90 -35.16 -2.79
C ALA D 116 -12.38 -35.07 -2.70
N LEU D 117 -13.00 -34.27 -3.53
CA LEU D 117 -14.42 -34.00 -3.49
C LEU D 117 -15.41 -35.14 -3.57
N ASN D 118 -15.16 -36.18 -4.34
CA ASN D 118 -16.09 -37.28 -4.37
C ASN D 118 -15.69 -38.34 -3.45
N SER D 119 -14.67 -38.10 -2.67
CA SER D 119 -14.26 -39.12 -1.74
C SER D 119 -15.26 -39.54 -0.76
N SER D 120 -15.11 -40.75 -0.35
CA SER D 120 -16.00 -41.33 0.64
C SER D 120 -15.78 -40.67 2.00
N HIS D 121 -16.71 -40.94 2.91
CA HIS D 121 -16.68 -40.40 4.26
C HIS D 121 -15.83 -41.28 5.18
N PHE D 122 -15.40 -40.68 6.29
CA PHE D 122 -14.60 -41.38 7.29
C PHE D 122 -15.02 -40.92 8.67
N GLN D 123 -14.60 -41.67 9.68
CA GLN D 123 -14.88 -41.35 11.07
C GLN D 123 -13.60 -40.98 11.80
N CYS D 124 -13.67 -39.91 12.58
CA CYS D 124 -12.56 -39.47 13.43
C CYS D 124 -12.83 -39.93 14.84
N ASN D 125 -12.01 -40.88 15.33
CA ASN D 125 -12.22 -41.52 16.63
C ASN D 125 -13.60 -42.14 16.71
N ARG D 126 -13.95 -42.90 15.67
CA ARG D 126 -15.24 -43.58 15.56
C ARG D 126 -16.41 -42.61 15.70
N GLU D 127 -16.26 -41.39 15.19
CA GLU D 127 -17.27 -40.35 15.33
C GLU D 127 -17.68 -39.86 13.96
N GLN D 128 -18.99 -39.78 13.73
CA GLN D 128 -19.50 -39.30 12.46
C GLN D 128 -19.39 -37.79 12.39
N ALA D 129 -19.03 -37.29 11.20
CA ALA D 129 -19.03 -35.85 10.99
C ALA D 129 -20.45 -35.31 11.06
N SER D 130 -20.57 -34.01 11.33
CA SER D 130 -21.86 -33.34 11.36
C SER D 130 -21.95 -32.23 10.32
N GLY D 131 -20.85 -31.95 9.63
CA GLY D 131 -20.83 -30.94 8.57
C GLY D 131 -19.53 -31.06 7.82
N ALA D 132 -19.40 -30.25 6.78
CA ALA D 132 -18.22 -30.29 5.93
C ALA D 132 -18.00 -28.94 5.28
N THR D 133 -16.74 -28.62 5.02
CA THR D 133 -16.36 -27.41 4.31
C THR D 133 -15.83 -27.78 2.93
N LEU D 134 -15.60 -26.75 2.12
CA LEU D 134 -15.16 -26.93 0.74
C LEU D 134 -14.23 -25.78 0.38
N SER D 135 -13.08 -26.10 -0.19
CA SER D 135 -12.10 -25.13 -0.60
C SER D 135 -11.73 -25.29 -2.04
N LEU D 136 -11.61 -24.23 -2.80
CA LEU D 136 -11.23 -24.31 -4.19
C LEU D 136 -10.21 -23.29 -4.54
N TYR D 137 -9.20 -23.59 -5.35
CA TYR D 137 -8.24 -22.54 -5.65
C TYR D 137 -7.47 -22.71 -6.94
N ILE D 138 -6.95 -21.61 -7.48
CA ILE D 138 -6.16 -21.71 -8.70
C ILE D 138 -4.72 -21.99 -8.29
N PRO D 139 -4.13 -23.12 -8.68
CA PRO D 139 -2.75 -23.41 -8.30
C PRO D 139 -1.81 -22.32 -8.80
N ALA D 140 -0.66 -22.24 -8.15
CA ALA D 140 0.34 -21.25 -8.50
C ALA D 140 0.78 -21.42 -9.95
N GLY D 141 1.10 -20.29 -10.59
CA GLY D 141 1.58 -20.29 -11.96
C GLY D 141 0.55 -20.54 -13.02
N GLU D 142 -0.71 -20.81 -12.66
CA GLU D 142 -1.72 -21.16 -13.65
C GLU D 142 -2.06 -19.97 -14.54
N LEU D 143 -2.32 -18.80 -13.94
CA LEU D 143 -2.73 -17.62 -14.70
C LEU D 143 -1.70 -17.22 -15.76
N ASN D 144 -0.47 -17.72 -15.67
CA ASN D 144 0.53 -17.52 -16.71
C ASN D 144 0.29 -18.42 -17.92
N LYS D 145 -0.54 -19.46 -17.79
CA LYS D 145 -0.93 -20.25 -18.95
C LYS D 145 -1.78 -19.43 -19.93
N LEU D 146 -2.51 -18.44 -19.43
CA LEU D 146 -3.34 -17.63 -20.29
C LEU D 146 -2.48 -16.87 -21.29
N PRO D 147 -2.88 -16.79 -22.56
CA PRO D 147 -1.99 -16.29 -23.60
C PRO D 147 -1.92 -14.78 -23.73
N PHE D 148 -2.82 -14.03 -23.10
CA PHE D 148 -2.72 -12.58 -23.13
C PHE D 148 -3.56 -12.00 -22.01
N GLY D 149 -3.32 -10.72 -21.74
CA GLY D 149 -3.99 -10.04 -20.65
C GLY D 149 -5.39 -9.61 -21.04
N GLY D 150 -6.36 -9.93 -20.18
CA GLY D 150 -7.73 -9.52 -20.40
C GLY D 150 -8.60 -9.75 -19.16
N VAL D 151 -9.85 -10.06 -19.37
CA VAL D 151 -10.75 -10.37 -18.29
C VAL D 151 -11.26 -11.74 -18.64
N TRP D 152 -10.90 -12.74 -17.88
CA TRP D 152 -11.31 -14.08 -18.14
C TRP D 152 -12.35 -14.61 -17.21
N ASN D 153 -13.46 -15.10 -17.73
CA ASN D 153 -14.49 -15.63 -16.87
C ASN D 153 -14.81 -17.06 -17.03
N ALA D 154 -15.33 -17.64 -15.97
CA ALA D 154 -15.74 -19.00 -16.01
C ALA D 154 -16.82 -19.26 -15.05
N VAL D 155 -17.65 -20.17 -15.39
CA VAL D 155 -18.74 -20.57 -14.51
C VAL D 155 -18.49 -22.01 -14.09
N LEU D 156 -18.51 -22.24 -12.78
CA LEU D 156 -18.21 -23.55 -12.19
C LEU D 156 -19.45 -24.07 -11.49
N LYS D 157 -19.84 -25.31 -11.80
CA LYS D 157 -21.02 -25.94 -11.24
C LYS D 157 -20.65 -27.26 -10.57
N LEU D 158 -21.10 -27.44 -9.33
CA LEU D 158 -20.85 -28.63 -8.54
C LEU D 158 -22.11 -28.98 -7.78
N ASN D 159 -22.54 -30.23 -7.90
CA ASN D 159 -23.71 -30.71 -7.17
C ASN D 159 -23.33 -30.98 -5.73
N VAL D 160 -24.01 -30.31 -4.80
CA VAL D 160 -23.82 -30.59 -3.37
C VAL D 160 -24.69 -31.79 -3.01
N LYS D 161 -24.10 -32.88 -2.60
CA LYS D 161 -24.91 -34.00 -2.25
C LYS D 161 -24.40 -34.77 -1.14
N ARG D 162 -25.26 -35.58 -0.62
CA ARG D 162 -24.93 -36.59 0.38
C ARG D 162 -24.52 -37.86 -0.35
N ARG D 163 -23.37 -38.40 0.01
CA ARG D 163 -22.78 -39.53 -0.72
C ARG D 163 -23.75 -40.69 -0.82
N TYR D 164 -23.95 -41.18 -2.06
CA TYR D 164 -24.90 -42.26 -2.33
C TYR D 164 -26.29 -41.92 -1.80
N ASP D 165 -26.71 -40.67 -2.00
CA ASP D 165 -27.89 -40.14 -1.35
C ASP D 165 -28.32 -38.89 -2.09
N THR D 166 -29.37 -38.23 -1.60
CA THR D 166 -30.00 -37.15 -2.32
C THR D 166 -29.01 -36.03 -2.66
N THR D 167 -29.17 -35.46 -3.86
CA THR D 167 -28.45 -34.25 -4.23
C THR D 167 -29.21 -33.05 -3.69
N TYR D 168 -28.56 -32.27 -2.83
CA TYR D 168 -29.24 -31.17 -2.15
C TYR D 168 -29.35 -29.93 -3.02
N GLY D 169 -28.42 -29.73 -3.93
CA GLY D 169 -28.45 -28.55 -4.77
C GLY D 169 -27.24 -28.49 -5.68
N THR D 170 -27.03 -27.33 -6.23
CA THR D 170 -25.91 -27.09 -7.10
C THR D 170 -25.33 -25.71 -6.87
N TYR D 171 -24.05 -25.63 -6.57
CA TYR D 171 -23.42 -24.35 -6.38
C TYR D 171 -23.01 -23.87 -7.70
N THR D 172 -23.21 -22.60 -7.97
CA THR D 172 -22.83 -22.00 -9.22
C THR D 172 -21.86 -20.94 -8.84
N ILE D 173 -20.66 -20.96 -9.40
CA ILE D 173 -19.65 -19.98 -9.06
C ILE D 173 -19.05 -19.16 -10.20
N ASN D 174 -19.12 -17.84 -10.15
CA ASN D 174 -18.57 -17.02 -11.21
C ASN D 174 -17.25 -16.55 -10.85
N ILE D 175 -16.27 -16.88 -11.65
CA ILE D 175 -14.92 -16.51 -11.38
C ILE D 175 -14.45 -15.60 -12.45
N THR D 176 -14.02 -14.45 -12.08
CA THR D 176 -13.51 -13.41 -12.96
C THR D 176 -12.04 -13.18 -12.64
N VAL D 177 -11.19 -13.34 -13.65
CA VAL D 177 -9.75 -13.12 -13.51
C VAL D 177 -9.40 -11.84 -14.25
N ASN D 178 -8.81 -10.89 -13.53
CA ASN D 178 -8.37 -9.62 -14.10
C ASN D 178 -6.86 -9.69 -14.27
N LEU D 179 -6.43 -9.97 -15.50
CA LEU D 179 -5.04 -10.13 -15.88
C LEU D 179 -4.61 -8.94 -16.71
N THR D 180 -3.43 -8.40 -16.42
CA THR D 180 -3.03 -7.09 -16.95
C THR D 180 -1.90 -7.14 -17.98
N ASP D 181 -0.86 -7.93 -17.75
CA ASP D 181 0.28 -8.03 -18.68
C ASP D 181 0.85 -6.64 -18.97
N LYS D 182 1.22 -5.95 -17.89
CA LYS D 182 1.58 -4.54 -17.99
C LYS D 182 2.84 -4.32 -18.82
N GLY D 183 3.86 -5.16 -18.64
CA GLY D 183 5.14 -4.94 -19.28
C GLY D 183 5.26 -5.54 -20.66
N ASN D 184 4.16 -5.59 -21.40
CA ASN D 184 4.09 -6.21 -22.70
C ASN D 184 3.96 -5.15 -23.78
N ILE D 185 4.89 -5.14 -24.73
CA ILE D 185 4.90 -4.20 -25.85
C ILE D 185 5.44 -4.92 -27.08
N GLN D 186 4.70 -4.85 -28.18
CA GLN D 186 5.08 -5.49 -29.42
C GLN D 186 5.00 -4.52 -30.59
N ILE D 187 5.96 -4.64 -31.51
CA ILE D 187 5.96 -3.91 -32.77
C ILE D 187 6.31 -4.91 -33.87
N TRP D 188 5.43 -5.12 -34.81
CA TRP D 188 5.69 -6.06 -35.85
C TRP D 188 5.48 -5.48 -37.18
N LEU D 189 6.28 -5.90 -38.13
CA LEU D 189 6.13 -5.50 -39.47
C LEU D 189 5.84 -6.84 -40.05
N PRO D 190 4.55 -7.09 -40.51
CA PRO D 190 4.31 -8.45 -41.01
C PRO D 190 4.95 -8.84 -42.30
N GLN D 191 5.18 -7.87 -43.16
CA GLN D 191 5.67 -8.24 -44.48
C GLN D 191 7.01 -9.00 -44.51
N PHE D 192 7.94 -8.74 -43.59
CA PHE D 192 9.19 -9.46 -43.74
C PHE D 192 9.48 -10.45 -42.66
N LYS D 193 10.21 -11.50 -43.01
CA LYS D 193 10.63 -12.48 -42.03
C LYS D 193 11.66 -11.86 -41.12
N SER D 194 12.58 -11.11 -41.70
CA SER D 194 13.61 -10.51 -40.85
C SER D 194 14.18 -9.09 -41.05
N ASN D 195 14.72 -8.86 -42.25
CA ASN D 195 15.40 -7.63 -42.63
C ASN D 195 14.73 -6.26 -42.73
N ALA D 196 13.56 -6.17 -43.35
CA ALA D 196 12.84 -4.91 -43.52
C ALA D 196 13.44 -3.71 -44.26
N ARG D 197 13.81 -3.91 -45.53
CA ARG D 197 14.35 -2.88 -46.41
C ARG D 197 13.26 -2.47 -47.40
N VAL D 198 13.19 -1.22 -47.80
CA VAL D 198 12.19 -0.77 -48.74
C VAL D 198 12.72 0.16 -49.77
N ASP D 199 12.02 0.28 -50.87
CA ASP D 199 12.33 1.26 -51.90
C ASP D 199 11.15 2.21 -52.04
N LEU D 200 11.43 3.51 -51.95
CA LEU D 200 10.51 4.53 -52.45
C LEU D 200 10.84 4.70 -53.92
N ASN D 201 10.08 4.02 -54.78
CA ASN D 201 10.32 4.08 -56.21
C ASN D 201 10.17 5.50 -56.70
N LEU D 202 11.26 6.05 -57.25
CA LEU D 202 11.32 7.46 -57.63
C LEU D 202 10.90 7.62 -59.08
N ARG D 203 9.90 8.47 -59.31
CA ARG D 203 9.39 8.74 -60.64
C ARG D 203 9.42 10.24 -60.88
N PRO D 204 9.93 10.70 -62.01
CA PRO D 204 9.99 12.15 -62.25
C PRO D 204 8.61 12.72 -62.56
N THR D 205 8.48 14.01 -62.27
CA THR D 205 7.42 14.85 -62.81
C THR D 205 8.04 15.87 -63.76
N GLY D 206 7.19 16.42 -64.62
CA GLY D 206 7.60 17.57 -65.39
C GLY D 206 8.18 18.66 -64.50
N GLY D 207 9.24 19.28 -65.00
CA GLY D 207 9.97 20.26 -64.23
C GLY D 207 11.14 19.72 -63.46
N GLY D 208 11.68 18.58 -63.88
CA GLY D 208 12.87 18.04 -63.21
C GLY D 208 12.65 17.76 -61.74
N THR D 209 11.43 17.38 -61.37
CA THR D 209 11.08 17.09 -59.98
C THR D 209 10.67 15.63 -59.87
N TYR D 210 11.43 14.86 -59.10
CA TYR D 210 11.15 13.46 -58.84
C TYR D 210 10.36 13.30 -57.55
N ILE D 211 9.42 12.36 -57.54
CA ILE D 211 8.62 12.07 -56.37
C ILE D 211 8.54 10.55 -56.20
N GLY D 212 8.85 10.08 -55.00
CA GLY D 212 8.58 8.71 -54.62
C GLY D 212 7.85 8.68 -53.30
N ARG D 213 7.03 7.64 -53.14
CA ARG D 213 6.33 7.41 -51.89
C ARG D 213 6.24 5.92 -51.64
N ASN D 214 6.41 5.53 -50.38
CA ASN D 214 6.14 4.17 -49.97
C ASN D 214 5.75 4.18 -48.51
N SER D 215 5.10 3.10 -48.09
CA SER D 215 4.68 2.95 -46.70
C SER D 215 4.91 1.51 -46.27
N VAL D 216 4.95 1.31 -44.95
CA VAL D 216 5.07 0.00 -44.34
C VAL D 216 4.00 -0.11 -43.26
N ASP D 217 3.22 -1.19 -43.31
CA ASP D 217 2.19 -1.46 -42.31
C ASP D 217 2.83 -2.15 -41.10
N MET D 218 2.53 -1.64 -39.91
CA MET D 218 3.11 -2.20 -38.69
C MET D 218 2.01 -2.55 -37.69
N CYS D 219 1.94 -3.85 -37.40
CA CYS D 219 1.02 -4.18 -36.30
C CYS D 219 1.64 -3.58 -35.04
N PHE D 220 0.81 -3.34 -34.05
CA PHE D 220 1.24 -2.75 -32.79
C PHE D 220 0.38 -3.27 -31.63
N TYR D 221 1.05 -3.65 -30.54
CA TYR D 221 0.36 -4.11 -29.34
C TYR D 221 1.06 -3.54 -28.10
N ASP D 222 0.27 -3.31 -27.05
CA ASP D 222 0.80 -3.17 -25.71
C ASP D 222 -0.24 -3.67 -24.71
N GLY D 223 0.23 -3.99 -23.50
CA GLY D 223 -0.61 -4.64 -22.51
C GLY D 223 -1.67 -3.76 -21.88
N TYR D 224 -2.95 -4.09 -22.11
CA TYR D 224 -4.02 -3.26 -21.56
C TYR D 224 -4.97 -4.07 -20.68
N SER D 225 -6.20 -3.57 -20.54
CA SER D 225 -7.20 -3.82 -19.51
C SER D 225 -6.92 -2.97 -18.28
N THR D 226 -5.79 -2.27 -18.23
CA THR D 226 -5.33 -1.50 -17.10
C THR D 226 -5.50 0.00 -17.37
N ASN D 227 -4.76 0.82 -16.61
CA ASN D 227 -4.81 2.27 -16.79
C ASN D 227 -3.77 2.72 -17.80
N SER D 228 -3.80 4.02 -18.10
CA SER D 228 -2.99 4.56 -19.19
C SER D 228 -1.51 4.46 -18.88
N SER D 229 -0.72 4.26 -19.93
CA SER D 229 0.72 4.12 -19.85
C SER D 229 1.37 5.02 -20.89
N SER D 230 2.54 5.55 -20.54
CA SER D 230 3.27 6.47 -21.40
C SER D 230 4.44 5.75 -22.06
N LEU D 231 4.46 5.73 -23.38
CA LEU D 231 5.54 5.16 -24.16
C LEU D 231 6.28 6.26 -24.91
N GLU D 232 7.39 5.86 -25.54
CA GLU D 232 8.30 6.82 -26.17
C GLU D 232 8.98 6.17 -27.36
N ILE D 233 8.92 6.82 -28.51
CA ILE D 233 9.50 6.31 -29.73
C ILE D 233 10.46 7.30 -30.31
N ARG D 234 11.60 6.84 -30.75
CA ARG D 234 12.60 7.70 -31.28
C ARG D 234 12.94 7.34 -32.69
N PHE D 235 13.26 8.28 -33.55
CA PHE D 235 13.60 7.99 -34.90
C PHE D 235 14.90 8.60 -35.20
N GLN D 236 15.86 7.85 -35.69
CA GLN D 236 17.15 8.37 -35.98
C GLN D 236 17.76 7.72 -37.15
N ASP D 237 18.69 8.39 -37.77
CA ASP D 237 19.37 7.82 -38.91
C ASP D 237 20.81 8.09 -38.76
N ASP D 238 21.62 7.43 -39.53
CA ASP D 238 23.06 7.55 -39.42
C ASP D 238 23.57 8.94 -39.60
N ASN D 239 22.96 9.69 -40.49
CA ASN D 239 23.36 11.05 -40.83
C ASN D 239 22.60 12.08 -40.02
N SER D 240 22.63 11.97 -38.71
CA SER D 240 21.89 12.89 -37.90
C SER D 240 22.67 14.19 -37.85
N LYS D 241 22.52 14.95 -38.93
CA LYS D 241 23.17 16.23 -39.15
C LYS D 241 22.60 17.33 -38.28
N SER D 242 21.48 17.00 -37.69
CA SER D 242 20.72 17.85 -36.81
C SER D 242 19.82 18.98 -37.29
N ASP D 243 19.39 18.92 -38.53
CA ASP D 243 18.37 19.84 -38.94
C ASP D 243 17.03 19.10 -38.73
N GLY D 244 17.07 17.87 -38.18
CA GLY D 244 15.93 17.05 -37.90
C GLY D 244 15.48 16.36 -39.15
N LYS D 245 16.32 16.43 -40.14
CA LYS D 245 16.03 15.87 -41.45
C LYS D 245 16.64 14.48 -41.62
N PHE D 246 16.02 13.69 -42.49
CA PHE D 246 16.50 12.38 -42.88
C PHE D 246 17.10 12.45 -44.27
N TYR D 247 18.25 11.80 -44.44
CA TYR D 247 18.99 11.86 -45.69
C TYR D 247 19.28 10.45 -46.19
N LEU D 248 19.42 10.37 -47.52
CA LEU D 248 19.96 9.20 -48.20
C LEU D 248 21.23 9.63 -48.90
N LYS D 249 22.20 8.75 -48.90
CA LYS D 249 23.47 9.02 -49.48
C LYS D 249 23.83 8.00 -50.52
N LYS D 250 24.34 8.48 -51.63
CA LYS D 250 24.75 7.63 -52.69
C LYS D 250 25.83 6.80 -52.11
N ILE D 251 25.82 5.50 -52.35
CA ILE D 251 26.78 4.64 -51.75
C ILE D 251 28.16 5.07 -52.15
N ASN D 252 29.00 5.18 -51.16
CA ASN D 252 30.39 5.53 -51.36
C ASN D 252 30.58 6.87 -52.02
N ASP D 253 29.65 7.76 -51.78
CA ASP D 253 29.67 9.13 -52.31
C ASP D 253 28.74 9.95 -51.43
N ASP D 254 29.23 10.26 -50.23
CA ASP D 254 28.45 11.00 -49.25
C ASP D 254 28.08 12.40 -49.71
N SER D 255 28.81 12.97 -50.67
CA SER D 255 28.51 14.31 -51.15
C SER D 255 27.12 14.41 -51.77
N LYS D 256 26.54 13.29 -52.19
CA LYS D 256 25.25 13.26 -52.86
C LYS D 256 24.18 12.82 -51.86
N GLU D 257 23.37 13.77 -51.39
CA GLU D 257 22.33 13.50 -50.40
C GLU D 257 20.95 13.73 -50.98
N LEU D 258 19.97 13.03 -50.43
CA LEU D 258 18.56 13.18 -50.80
C LEU D 258 17.75 13.25 -49.51
N VAL D 259 17.05 14.37 -49.31
CA VAL D 259 16.19 14.53 -48.15
C VAL D 259 14.93 13.69 -48.33
N TYR D 260 14.55 12.98 -47.28
CA TYR D 260 13.25 12.33 -47.23
C TYR D 260 12.61 12.58 -45.88
N THR D 261 11.28 12.42 -45.85
CA THR D 261 10.48 12.63 -44.65
C THR D 261 9.67 11.37 -44.39
N LEU D 262 9.23 11.23 -43.15
CA LEU D 262 8.36 10.11 -42.80
C LEU D 262 7.25 10.60 -41.88
N SER D 263 6.16 9.84 -41.89
CA SER D 263 5.00 10.08 -41.05
C SER D 263 4.42 8.73 -40.64
N LEU D 264 3.71 8.73 -39.53
CA LEU D 264 3.25 7.48 -38.93
C LEU D 264 1.80 7.59 -38.51
N LEU D 265 0.98 6.65 -38.97
CA LEU D 265 -0.30 6.33 -38.34
C LEU D 265 -0.09 5.11 -37.46
N LEU D 266 -0.57 5.17 -36.22
CA LEU D 266 -0.40 4.07 -35.28
C LEU D 266 -1.68 3.96 -34.44
N ALA D 267 -2.62 3.16 -34.91
CA ALA D 267 -3.83 2.81 -34.16
C ALA D 267 -4.72 4.01 -33.90
N GLY D 268 -4.58 5.07 -34.69
CA GLY D 268 -5.54 6.16 -34.62
C GLY D 268 -5.00 7.57 -34.57
N LYS D 269 -3.67 7.72 -34.50
CA LYS D 269 -3.06 9.05 -34.45
C LYS D 269 -1.98 9.16 -35.51
N ASN D 270 -1.78 10.38 -35.99
CA ASN D 270 -0.84 10.70 -37.05
C ASN D 270 0.31 11.50 -36.48
N LEU D 271 1.55 11.13 -36.83
CA LEU D 271 2.73 11.72 -36.22
C LEU D 271 3.76 12.04 -37.28
N THR D 272 4.52 13.11 -37.03
CA THR D 272 5.57 13.58 -37.94
C THR D 272 6.90 13.57 -37.22
N PRO D 273 7.72 12.54 -37.39
CA PRO D 273 9.00 12.49 -36.66
C PRO D 273 10.10 13.27 -37.36
N THR D 274 10.76 14.14 -36.61
CA THR D 274 12.02 14.70 -37.06
C THR D 274 13.16 13.78 -36.63
N ASN D 275 14.31 13.95 -37.29
CA ASN D 275 15.44 13.06 -37.05
C ASN D 275 16.00 13.27 -35.64
N GLY D 276 16.01 12.20 -34.85
CA GLY D 276 16.59 12.24 -33.53
C GLY D 276 15.68 12.74 -32.44
N GLN D 277 14.40 12.95 -32.71
CA GLN D 277 13.48 13.43 -31.69
C GLN D 277 12.59 12.30 -31.20
N ALA D 278 12.39 12.26 -29.89
CA ALA D 278 11.50 11.29 -29.25
C ALA D 278 10.06 11.79 -29.30
N LEU D 279 9.13 10.83 -29.34
CA LEU D 279 7.70 11.12 -29.39
C LEU D 279 7.00 10.31 -28.30
N ASN D 280 6.17 10.99 -27.52
CA ASN D 280 5.42 10.34 -26.46
C ASN D 280 4.06 9.90 -26.96
N ILE D 281 3.63 8.73 -26.52
CA ILE D 281 2.38 8.12 -26.98
C ILE D 281 1.74 7.43 -25.78
N ASN D 282 0.70 8.04 -25.22
CA ASN D 282 -0.13 7.33 -24.26
C ASN D 282 -0.89 6.20 -24.97
N THR D 283 -1.35 5.23 -24.19
CA THR D 283 -2.05 4.09 -24.77
C THR D 283 -3.51 4.39 -25.05
N ALA D 284 -4.20 5.05 -24.11
CA ALA D 284 -5.63 5.35 -24.28
C ALA D 284 -5.92 6.21 -25.50
N SER D 285 -4.90 6.90 -26.00
CA SER D 285 -5.03 7.77 -27.14
C SER D 285 -5.29 6.96 -28.39
N LEU D 286 -5.56 5.69 -28.23
CA LEU D 286 -5.76 4.83 -29.39
C LEU D 286 -7.12 4.21 -29.51
N SER D 302 5.06 -16.04 -23.38
CA SER D 302 4.28 -15.25 -22.43
C SER D 302 3.95 -13.86 -23.00
N VAL D 303 3.32 -13.83 -24.16
CA VAL D 303 3.09 -12.61 -24.94
C VAL D 303 1.82 -12.75 -25.76
N PRO D 304 1.29 -11.67 -26.34
CA PRO D 304 0.12 -11.78 -27.23
C PRO D 304 0.38 -11.29 -28.64
N VAL D 305 -0.40 -11.77 -29.61
CA VAL D 305 -0.12 -11.50 -31.01
C VAL D 305 -1.30 -10.83 -31.72
N LEU D 306 -2.23 -10.24 -30.97
CA LEU D 306 -3.35 -9.51 -31.56
C LEU D 306 -3.14 -8.01 -31.37
N CYS D 307 -3.19 -7.26 -32.47
CA CYS D 307 -2.66 -5.91 -32.49
C CYS D 307 -3.58 -4.97 -33.26
N TRP D 308 -3.22 -3.69 -33.18
CA TRP D 308 -3.85 -2.60 -33.91
C TRP D 308 -2.91 -2.14 -35.01
N PRO D 309 -3.37 -2.17 -36.25
CA PRO D 309 -2.49 -1.81 -37.37
C PRO D 309 -2.09 -0.35 -37.34
N GLY D 310 -0.81 -0.10 -37.64
CA GLY D 310 -0.34 1.22 -37.93
C GLY D 310 0.33 1.22 -39.30
N ARG D 311 0.71 2.42 -39.75
CA ARG D 311 1.35 2.57 -41.05
C ARG D 311 2.38 3.69 -40.98
N LEU D 312 3.60 3.39 -41.40
CA LEU D 312 4.67 4.37 -41.52
C LEU D 312 4.94 4.60 -43.00
N GLN D 313 4.83 5.85 -43.44
CA GLN D 313 4.92 6.22 -44.84
C GLN D 313 6.11 7.13 -45.06
N LEU D 314 6.83 6.90 -46.16
CA LEU D 314 8.03 7.67 -46.50
C LEU D 314 7.78 8.47 -47.77
N ASP D 315 8.26 9.70 -47.79
CA ASP D 315 8.00 10.63 -48.89
C ASP D 315 9.28 11.36 -49.27
N ALA D 316 9.47 11.56 -50.57
CA ALA D 316 10.62 12.28 -51.09
C ALA D 316 10.16 13.16 -52.25
N LYS D 317 10.40 14.47 -52.12
CA LYS D 317 10.25 15.41 -53.23
C LYS D 317 11.64 16.00 -53.50
N VAL D 318 12.21 15.65 -54.65
CA VAL D 318 13.60 15.92 -54.98
C VAL D 318 13.68 16.62 -56.32
N LYS D 319 14.69 17.49 -56.46
CA LYS D 319 14.89 18.27 -57.67
C LYS D 319 16.19 17.83 -58.35
N ASN D 320 16.07 17.27 -59.55
CA ASN D 320 17.22 16.91 -60.38
C ASN D 320 18.22 15.99 -59.66
N PRO D 321 17.81 14.78 -59.26
CA PRO D 321 18.75 13.87 -58.59
C PRO D 321 19.75 13.28 -59.56
N GLU D 322 20.98 13.11 -59.08
CA GLU D 322 22.02 12.41 -59.83
C GLU D 322 21.85 10.90 -59.67
N ALA D 323 22.15 10.17 -60.74
CA ALA D 323 21.83 8.75 -60.79
C ALA D 323 22.84 7.93 -59.97
N GLY D 324 22.32 6.90 -59.31
CA GLY D 324 23.10 6.05 -58.44
C GLY D 324 22.21 5.42 -57.41
N GLN D 325 22.76 4.42 -56.72
CA GLN D 325 22.04 3.71 -55.66
C GLN D 325 22.19 4.47 -54.35
N TYR D 326 21.08 4.96 -53.81
CA TYR D 326 21.08 5.71 -52.57
C TYR D 326 20.67 4.80 -51.41
N MET D 327 21.18 5.12 -50.22
CA MET D 327 21.03 4.26 -49.06
C MET D 327 20.53 5.05 -47.87
N GLY D 328 19.73 4.39 -47.04
CA GLY D 328 19.26 4.96 -45.80
C GLY D 328 18.97 3.90 -44.75
N ASN D 329 19.45 4.13 -43.54
CA ASN D 329 19.17 3.25 -42.41
C ASN D 329 18.38 4.04 -41.38
N ILE D 330 17.29 3.45 -40.87
CA ILE D 330 16.40 4.14 -39.95
C ILE D 330 16.26 3.29 -38.70
N LYS D 331 16.64 3.87 -37.56
CA LYS D 331 16.63 3.21 -36.27
C LYS D 331 15.42 3.71 -35.47
N ILE D 332 14.47 2.82 -35.20
CA ILE D 332 13.26 3.19 -34.48
C ILE D 332 13.27 2.52 -33.11
N THR D 333 13.76 3.24 -32.10
CA THR D 333 13.87 2.72 -30.74
C THR D 333 12.51 2.76 -30.04
N PHE D 334 12.28 1.80 -29.14
CA PHE D 334 11.01 1.62 -28.46
C PHE D 334 11.25 1.44 -26.96
N THR D 335 10.94 2.47 -26.18
CA THR D 335 11.17 2.49 -24.76
C THR D 335 9.96 3.00 -24.00
N PRO D 336 9.80 2.57 -22.75
CA PRO D 336 8.90 3.23 -21.83
C PRO D 336 9.55 4.56 -21.49
N SER D 337 8.75 5.52 -21.08
CA SER D 337 9.24 6.87 -20.78
C SER D 337 9.42 7.06 -19.29
N SER D 338 10.49 7.78 -18.91
CA SER D 338 10.79 8.13 -17.51
C SER D 338 9.80 9.17 -17.02
N GLN D 339 9.59 10.21 -17.80
CA GLN D 339 8.65 11.28 -17.39
C GLN D 339 7.27 10.76 -17.68
N THR D 340 6.87 9.75 -16.95
CA THR D 340 5.56 9.08 -17.14
C THR D 340 4.80 9.05 -15.84
N LEU D 341 3.55 8.59 -15.90
CA LEU D 341 2.70 8.40 -14.73
C LEU D 341 1.30 7.96 -15.17
C1 GOL E . -8.42 -13.54 42.49
O1 GOL E . -7.37 -12.89 41.80
C2 GOL E . -9.42 -12.50 43.00
O2 GOL E . -9.75 -11.60 41.97
C3 GOL E . -10.67 -13.20 43.50
O3 GOL E . -10.48 -13.63 44.83
NI NI F . 8.34 -4.92 33.72
NI NI G . 18.46 -19.50 -22.44
NI NI H . 44.44 18.79 15.33
C1 GOL I . 42.89 27.20 -7.27
O1 GOL I . 43.13 28.37 -8.02
C2 GOL I . 41.58 26.57 -7.71
O2 GOL I . 40.51 27.34 -7.20
C3 GOL I . 41.50 26.56 -9.23
O3 GOL I . 40.85 25.39 -9.66
C1 GOL J . 44.80 24.69 1.49
O1 GOL J . 45.66 24.42 0.40
C2 GOL J . 45.28 25.94 2.23
O2 GOL J . 45.29 25.65 3.61
C3 GOL J . 44.33 27.09 1.98
O3 GOL J . 44.93 28.06 1.15
C1 GOL K . 22.11 31.74 24.02
O1 GOL K . 23.05 31.87 25.07
C2 GOL K . 21.94 33.08 23.31
O2 GOL K . 20.61 33.54 23.45
C3 GOL K . 22.25 32.90 21.83
O3 GOL K . 23.45 33.56 21.50
NI NI L . -17.58 22.07 28.29
#